data_4QD9
#
_entry.id   4QD9
#
_cell.length_a   103.026
_cell.length_b   201.490
_cell.length_c   91.744
_cell.angle_alpha   90.00
_cell.angle_beta   90.00
_cell.angle_gamma   90.00
#
_symmetry.space_group_name_H-M   'C 2 2 21'
#
loop_
_entity.id
_entity.type
_entity.pdbx_description
1 polymer 'Thioesterase PA1618'
2 non-polymer 'benzoyl-oxydephosphocoenzyme A'
3 water water
#
_entity_poly.entity_id   1
_entity_poly.type   'polypeptide(L)'
_entity_poly.pdbx_seq_one_letter_code
;MSLWRQTPDLEQLNASQKNSIGDLLGIRFEAFDDESLTASMPVDSRTHQPFGLLHGGASVVLAESLGSMASYLCVDTSQY
YCVGLEVNANHLRGLRSGRVTAVARAIHLGRTTHVWDIRLSGDDGKPSCIARLTMAVVPLAGRALEHHHHHH
;
_entity_poly.pdbx_strand_id   A,B,C,D,E,F
#
# COMPACT_ATOMS: atom_id res chain seq x y z
N SER A 2 -4.23 18.12 36.16
CA SER A 2 -4.00 18.47 37.56
C SER A 2 -3.04 19.64 37.66
N LEU A 3 -1.83 19.44 37.15
CA LEU A 3 -0.81 20.49 37.07
C LEU A 3 -1.29 21.63 36.20
N TRP A 4 -2.05 21.28 35.16
CA TRP A 4 -2.33 22.21 34.07
C TRP A 4 -3.49 23.13 34.34
N ARG A 5 -3.40 24.36 33.84
CA ARG A 5 -4.53 25.29 33.80
C ARG A 5 -5.30 25.08 32.49
N GLN A 6 -4.59 25.22 31.37
CA GLN A 6 -5.12 24.84 30.06
C GLN A 6 -4.85 23.37 29.83
N THR A 7 -5.90 22.60 29.51
CA THR A 7 -5.71 21.18 29.16
C THR A 7 -4.82 21.09 27.93
N PRO A 8 -3.75 20.29 28.01
CA PRO A 8 -2.85 20.20 26.86
C PRO A 8 -3.59 19.65 25.65
N ASP A 9 -3.36 20.26 24.49
CA ASP A 9 -3.96 19.81 23.24
C ASP A 9 -2.80 19.58 22.29
N LEU A 10 -2.47 18.31 22.04
CA LEU A 10 -1.25 17.96 21.29
C LEU A 10 -1.25 18.49 19.86
N GLU A 11 -2.39 18.43 19.19
CA GLU A 11 -2.47 18.98 17.83
C GLU A 11 -2.15 20.47 17.83
N GLN A 12 -2.67 21.18 18.82
CA GLN A 12 -2.45 22.61 18.95
C GLN A 12 -0.99 22.90 19.29
N LEU A 13 -0.44 22.11 20.19
CA LEU A 13 0.97 22.31 20.58
C LEU A 13 1.85 22.14 19.36
N ASN A 14 1.62 21.06 18.61
CA ASN A 14 2.39 20.82 17.40
C ASN A 14 2.17 21.86 16.31
N ALA A 15 0.92 22.23 16.06
CA ALA A 15 0.62 23.22 15.04
C ALA A 15 1.24 24.59 15.35
N SER A 16 1.33 24.94 16.62
CA SER A 16 1.83 26.26 17.01
C SER A 16 3.31 26.45 16.69
N GLN A 17 4.00 25.35 16.37
CA GLN A 17 5.44 25.40 16.07
C GLN A 17 5.76 25.82 14.65
N LYS A 18 4.73 25.99 13.82
CA LYS A 18 4.91 26.39 12.43
C LYS A 18 5.77 27.64 12.30
N ASN A 19 6.75 27.61 11.40
CA ASN A 19 7.70 28.72 11.21
C ASN A 19 8.51 29.05 12.45
N SER A 20 8.91 28.02 13.19
CA SER A 20 9.80 28.22 14.32
C SER A 20 10.78 27.05 14.35
N ILE A 21 11.74 27.08 15.27
CA ILE A 21 12.80 26.08 15.25
C ILE A 21 12.27 24.67 15.53
N GLY A 22 11.23 24.58 16.35
CA GLY A 22 10.63 23.29 16.66
C GLY A 22 10.14 22.52 15.46
N ASP A 23 9.53 23.23 14.51
CA ASP A 23 9.07 22.62 13.28
C ASP A 23 10.26 22.20 12.43
N LEU A 24 11.26 23.08 12.35
CA LEU A 24 12.48 22.82 11.60
C LEU A 24 13.19 21.56 12.08
N LEU A 25 13.23 21.34 13.40
CA LEU A 25 13.97 20.19 13.94
C LEU A 25 13.10 18.95 14.08
N GLY A 26 11.81 19.09 13.81
CA GLY A 26 10.91 17.94 13.87
C GLY A 26 10.48 17.56 15.26
N ILE A 27 10.42 18.54 16.16
CA ILE A 27 9.94 18.28 17.51
C ILE A 27 8.45 17.96 17.46
N ARG A 28 8.05 16.92 18.19
CA ARG A 28 6.67 16.44 18.19
C ARG A 28 6.23 16.28 19.64
N PHE A 29 5.19 17.01 20.04
CA PHE A 29 4.63 16.79 21.37
C PHE A 29 3.82 15.52 21.28
N GLU A 30 4.04 14.59 22.21
CA GLU A 30 3.56 13.21 22.03
C GLU A 30 2.57 12.72 23.08
N ALA A 31 2.67 13.24 24.30
CA ALA A 31 1.87 12.70 25.40
C ALA A 31 1.82 13.67 26.56
N PHE A 32 0.84 13.47 27.42
CA PHE A 32 0.76 14.23 28.65
C PHE A 32 -0.06 13.46 29.67
N ASP A 33 0.19 13.71 30.94
CA ASP A 33 -0.74 13.27 31.97
C ASP A 33 -0.88 14.39 33.00
N ASP A 34 -1.39 14.04 34.19
CA ASP A 34 -1.64 15.04 35.22
C ASP A 34 -0.38 15.70 35.78
N GLU A 35 0.78 15.09 35.54
CA GLU A 35 2.03 15.51 36.16
C GLU A 35 3.14 15.83 35.16
N SER A 36 2.92 15.54 33.87
CA SER A 36 4.03 15.63 32.93
C SER A 36 3.60 15.94 31.51
N LEU A 37 4.56 16.37 30.69
CA LEU A 37 4.34 16.62 29.27
C LEU A 37 5.54 16.01 28.55
N THR A 38 5.29 15.34 27.42
CA THR A 38 6.33 14.59 26.72
C THR A 38 6.46 15.02 25.26
N ALA A 39 7.70 15.21 24.79
CA ALA A 39 7.93 15.49 23.37
C ALA A 39 9.16 14.75 22.90
N SER A 40 9.25 14.49 21.60
CA SER A 40 10.43 13.80 21.07
C SER A 40 10.98 14.53 19.84
N MET A 41 12.19 14.15 19.43
CA MET A 41 12.87 14.84 18.35
C MET A 41 13.75 13.84 17.62
N PRO A 42 13.83 13.93 16.29
CA PRO A 42 14.68 12.98 15.58
C PRO A 42 16.16 13.25 15.80
N VAL A 43 16.95 12.18 15.79
CA VAL A 43 18.40 12.28 15.82
C VAL A 43 18.87 11.98 14.42
N ASP A 44 19.07 13.03 13.63
CA ASP A 44 19.57 12.90 12.26
C ASP A 44 20.33 14.17 11.84
N SER A 45 20.49 14.37 10.53
CA SER A 45 21.28 15.50 10.04
C SER A 45 20.73 16.86 10.49
N ARG A 46 19.44 16.92 10.84
CA ARG A 46 18.87 18.18 11.30
C ARG A 46 19.37 18.55 12.69
N THR A 47 19.72 17.53 13.49
CA THR A 47 20.05 17.74 14.89
C THR A 47 21.45 17.23 15.25
N HIS A 48 22.17 16.64 14.30
CA HIS A 48 23.56 16.24 14.56
C HIS A 48 24.53 17.41 14.73
N GLN A 49 25.62 17.18 15.46
CA GLN A 49 26.79 18.07 15.38
C GLN A 49 27.70 17.52 14.26
N PRO A 50 28.84 18.19 13.96
CA PRO A 50 29.59 17.74 12.77
C PRO A 50 30.18 16.32 12.83
N PHE A 51 30.16 15.66 13.99
CA PHE A 51 30.76 14.34 14.10
C PHE A 51 29.74 13.20 14.07
N GLY A 52 28.49 13.54 13.80
CA GLY A 52 27.46 12.53 13.62
C GLY A 52 26.70 12.15 14.88
N LEU A 53 26.94 12.87 15.97
CA LEU A 53 26.22 12.66 17.23
C LEU A 53 25.19 13.76 17.42
N LEU A 54 24.15 13.49 18.21
CA LEU A 54 23.17 14.53 18.53
C LEU A 54 23.88 15.73 19.16
N HIS A 55 23.61 16.91 18.62
CA HIS A 55 24.19 18.17 19.14
C HIS A 55 23.64 18.41 20.55
N GLY A 56 24.53 18.71 21.49
CA GLY A 56 24.10 18.93 22.86
C GLY A 56 23.13 20.09 22.94
N GLY A 57 23.33 21.09 22.08
CA GLY A 57 22.43 22.21 22.04
C GLY A 57 21.04 21.82 21.56
N ALA A 58 20.97 20.83 20.67
CA ALA A 58 19.68 20.37 20.17
C ALA A 58 18.88 19.72 21.31
N SER A 59 19.56 19.00 22.20
CA SER A 59 18.89 18.47 23.39
C SER A 59 18.31 19.62 24.19
N VAL A 60 19.05 20.72 24.25
CA VAL A 60 18.57 21.88 25.01
C VAL A 60 17.40 22.54 24.31
N VAL A 61 17.42 22.61 22.98
CA VAL A 61 16.24 23.12 22.26
C VAL A 61 14.99 22.31 22.61
N LEU A 62 15.12 20.98 22.58
CA LEU A 62 13.97 20.14 22.94
C LEU A 62 13.53 20.42 24.37
N ALA A 63 14.48 20.49 25.30
CA ALA A 63 14.13 20.70 26.70
C ALA A 63 13.44 22.06 26.93
N GLU A 64 13.98 23.09 26.29
CA GLU A 64 13.42 24.43 26.48
C GLU A 64 12.08 24.60 25.72
N SER A 65 11.93 23.94 24.57
CA SER A 65 10.64 23.94 23.88
C SER A 65 9.58 23.33 24.77
N LEU A 66 9.92 22.18 25.35
CA LEU A 66 9.01 21.41 26.17
C LEU A 66 8.62 22.18 27.42
N GLY A 67 9.62 22.66 28.16
CA GLY A 67 9.37 23.36 29.40
C GLY A 67 8.66 24.69 29.18
N SER A 68 8.98 25.39 28.10
CA SER A 68 8.33 26.66 27.81
C SER A 68 6.86 26.44 27.53
N MET A 69 6.56 25.38 26.80
CA MET A 69 5.16 25.04 26.50
C MET A 69 4.43 24.61 27.77
N ALA A 70 5.10 23.84 28.62
CA ALA A 70 4.53 23.45 29.91
C ALA A 70 4.18 24.69 30.75
N SER A 71 5.08 25.69 30.78
CA SER A 71 4.77 26.92 31.50
C SER A 71 3.55 27.64 30.95
N TYR A 72 3.49 27.73 29.62
CA TYR A 72 2.37 28.39 28.95
C TYR A 72 1.04 27.76 29.35
N LEU A 73 1.05 26.45 29.60
CA LEU A 73 -0.16 25.70 29.94
C LEU A 73 -0.51 25.81 31.43
N CYS A 74 0.33 26.49 32.19
CA CYS A 74 0.13 26.60 33.63
C CYS A 74 -0.21 28.01 34.10
N VAL A 75 -0.02 29.00 33.22
CA VAL A 75 -0.32 30.39 33.61
C VAL A 75 -1.62 30.94 33.01
N ASP A 76 -2.12 32.02 33.60
CA ASP A 76 -3.20 32.77 32.98
C ASP A 76 -2.66 33.61 31.84
N THR A 77 -2.86 33.12 30.62
CA THR A 77 -2.25 33.69 29.43
C THR A 77 -2.93 34.97 28.99
N SER A 78 -4.03 35.34 29.64
CA SER A 78 -4.65 36.63 29.38
C SER A 78 -3.95 37.73 30.17
N GLN A 79 -3.10 37.33 31.12
CA GLN A 79 -2.42 38.30 31.98
C GLN A 79 -0.91 38.18 31.98
N TYR A 80 -0.40 37.01 31.63
CA TYR A 80 1.04 36.74 31.75
C TYR A 80 1.59 36.02 30.55
N TYR A 81 2.88 36.19 30.30
CA TYR A 81 3.58 35.27 29.40
C TYR A 81 4.85 34.81 30.10
N CYS A 82 5.45 33.76 29.57
CA CYS A 82 6.61 33.16 30.19
C CYS A 82 7.77 33.18 29.22
N VAL A 83 8.96 33.46 29.72
CA VAL A 83 10.15 33.35 28.89
C VAL A 83 11.25 32.65 29.66
N GLY A 84 12.10 31.93 28.95
CA GLY A 84 13.22 31.27 29.59
C GLY A 84 14.13 32.27 30.27
N LEU A 85 14.58 31.93 31.48
CA LEU A 85 15.43 32.80 32.27
C LEU A 85 16.81 32.17 32.48
N GLU A 86 16.81 30.88 32.83
CA GLU A 86 18.08 30.13 33.02
C GLU A 86 17.88 28.68 32.57
N VAL A 87 18.89 28.10 31.95
CA VAL A 87 18.79 26.67 31.59
C VAL A 87 20.11 25.99 31.83
N ASN A 88 20.06 24.73 32.22
CA ASN A 88 21.30 23.97 32.38
C ASN A 88 21.07 22.50 32.04
N ALA A 89 22.13 21.80 31.63
CA ALA A 89 21.97 20.42 31.23
C ALA A 89 23.26 19.65 31.45
N ASN A 90 23.14 18.39 31.87
CA ASN A 90 24.26 17.45 31.80
C ASN A 90 24.05 16.52 30.64
N HIS A 91 25.06 16.39 29.79
CA HIS A 91 25.04 15.49 28.66
C HIS A 91 25.62 14.14 29.10
N LEU A 92 24.77 13.13 29.16
CA LEU A 92 25.10 11.86 29.83
C LEU A 92 25.61 10.79 28.87
N ARG A 93 24.91 10.62 27.75
CA ARG A 93 25.22 9.61 26.76
C ARG A 93 25.01 10.18 25.36
N GLY A 94 25.88 9.79 24.42
CA GLY A 94 25.70 10.23 23.05
C GLY A 94 24.66 9.42 22.30
N LEU A 95 24.02 10.04 21.32
CA LEU A 95 23.05 9.36 20.47
C LEU A 95 23.41 9.60 19.02
N ARG A 96 23.25 8.58 18.16
CA ARG A 96 23.59 8.71 16.73
C ARG A 96 22.38 8.65 15.82
N SER A 97 21.33 7.94 16.24
CA SER A 97 20.14 7.81 15.40
C SER A 97 18.90 7.53 16.23
N GLY A 98 17.76 7.34 15.55
CA GLY A 98 16.50 7.14 16.24
C GLY A 98 15.90 8.47 16.67
N ARG A 99 15.21 8.46 17.81
CA ARG A 99 14.65 9.69 18.37
C ARG A 99 15.11 9.89 19.79
N VAL A 100 15.11 11.14 20.24
CA VAL A 100 15.34 11.42 21.66
C VAL A 100 14.04 11.92 22.25
N THR A 101 13.67 11.37 23.41
CA THR A 101 12.40 11.70 24.05
C THR A 101 12.64 12.45 25.37
N ALA A 102 11.92 13.55 25.57
CA ALA A 102 12.06 14.35 26.78
C ALA A 102 10.74 14.36 27.55
N VAL A 103 10.84 14.24 28.87
CA VAL A 103 9.66 14.31 29.73
C VAL A 103 9.89 15.43 30.73
N ALA A 104 8.94 16.35 30.81
CA ALA A 104 9.03 17.47 31.75
C ALA A 104 8.10 17.25 32.92
N ARG A 105 8.61 17.52 34.12
CA ARG A 105 7.85 17.47 35.35
C ARG A 105 8.14 18.74 36.14
N ALA A 106 7.17 19.21 36.92
CA ALA A 106 7.38 20.44 37.66
C ALA A 106 8.17 20.24 38.96
N ILE A 107 9.07 21.18 39.25
CA ILE A 107 9.77 21.23 40.52
CA ILE A 107 9.77 21.22 40.52
C ILE A 107 9.12 22.29 41.41
N HIS A 108 8.81 23.42 40.80
CA HIS A 108 8.20 24.54 41.53
C HIS A 108 7.50 25.48 40.56
N LEU A 109 6.23 25.77 40.82
CA LEU A 109 5.52 26.77 40.06
C LEU A 109 5.19 27.93 40.98
N GLY A 110 6.12 28.90 41.05
CA GLY A 110 5.92 30.08 41.88
C GLY A 110 5.15 31.15 41.11
N ARG A 111 4.95 32.29 41.75
CA ARG A 111 4.24 33.38 41.08
C ARG A 111 5.07 34.06 40.01
N THR A 112 6.38 34.13 40.20
CA THR A 112 7.23 34.88 39.27
C THR A 112 8.23 34.01 38.51
N THR A 113 8.42 32.77 38.96
CA THR A 113 9.31 31.82 38.26
C THR A 113 8.74 30.41 38.30
N HIS A 114 9.05 29.62 37.28
CA HIS A 114 8.72 28.20 37.28
C HIS A 114 10.03 27.45 37.13
N VAL A 115 10.15 26.28 37.75
CA VAL A 115 11.34 25.46 37.55
C VAL A 115 10.88 24.08 37.09
N TRP A 116 11.43 23.63 35.95
CA TRP A 116 11.05 22.34 35.37
C TRP A 116 12.24 21.38 35.36
N ASP A 117 11.94 20.10 35.60
CA ASP A 117 12.92 19.01 35.50
C ASP A 117 12.65 18.28 34.18
N ILE A 118 13.65 18.18 33.30
CA ILE A 118 13.43 17.55 31.99
C ILE A 118 14.42 16.41 31.80
N ARG A 119 13.91 15.20 31.57
CA ARG A 119 14.75 14.01 31.44
C ARG A 119 14.67 13.52 30.00
N LEU A 120 15.82 13.28 29.38
CA LEU A 120 15.88 12.85 27.98
C LEU A 120 16.53 11.46 27.90
N SER A 121 16.05 10.67 26.94
CA SER A 121 16.64 9.35 26.68
C SER A 121 16.46 8.99 25.21
N GLY A 122 17.35 8.14 24.71
CA GLY A 122 17.24 7.68 23.34
C GLY A 122 16.36 6.46 23.29
N ASP A 123 16.28 5.84 22.11
CA ASP A 123 15.37 4.72 21.95
C ASP A 123 15.71 3.50 22.81
N ASP A 124 16.96 3.38 23.26
CA ASP A 124 17.33 2.28 24.15
C ASP A 124 16.85 2.50 25.58
N GLY A 125 16.28 3.67 25.84
CA GLY A 125 15.71 4.00 27.13
C GLY A 125 16.70 4.50 28.18
N LYS A 126 18.00 4.48 27.86
CA LYS A 126 18.99 4.94 28.81
C LYS A 126 19.00 6.47 28.85
N PRO A 127 19.15 7.06 30.06
CA PRO A 127 19.28 8.53 30.21
C PRO A 127 20.39 9.09 29.31
N SER A 128 20.08 10.12 28.53
CA SER A 128 21.07 10.68 27.61
C SER A 128 21.39 12.13 27.97
N CYS A 129 20.43 12.80 28.59
CA CYS A 129 20.60 14.18 29.01
C CYS A 129 19.63 14.47 30.16
N ILE A 130 20.06 15.29 31.12
CA ILE A 130 19.12 15.81 32.10
C ILE A 130 19.24 17.33 32.08
N ALA A 131 18.09 18.02 32.07
CA ALA A 131 18.11 19.48 32.01
C ALA A 131 17.27 20.06 33.13
N ARG A 132 17.59 21.28 33.56
CA ARG A 132 16.69 22.00 34.47
C ARG A 132 16.47 23.39 33.90
N LEU A 133 15.22 23.85 33.88
CA LEU A 133 14.84 25.08 33.19
C LEU A 133 14.12 25.98 34.16
N THR A 134 14.52 27.25 34.21
CA THR A 134 13.85 28.26 35.02
C THR A 134 13.20 29.25 34.08
N MET A 135 11.89 29.42 34.19
CA MET A 135 11.13 30.36 33.36
C MET A 135 10.74 31.54 34.22
N ALA A 136 10.77 32.73 33.64
CA ALA A 136 10.23 33.92 34.31
C ALA A 136 8.77 34.10 33.89
N VAL A 137 7.92 34.47 34.85
CA VAL A 137 6.52 34.74 34.56
C VAL A 137 6.38 36.25 34.53
N VAL A 138 5.94 36.79 33.39
CA VAL A 138 5.98 38.23 33.14
C VAL A 138 4.59 38.77 32.77
N PRO A 139 4.18 39.89 33.40
CA PRO A 139 2.92 40.57 33.06
C PRO A 139 2.85 40.98 31.59
N LEU A 140 1.73 40.65 30.94
CA LEU A 140 1.53 40.85 29.51
C LEU A 140 1.62 42.33 29.10
N SER B 2 15.35 -15.74 -15.40
CA SER B 2 15.33 -15.26 -14.01
C SER B 2 16.45 -14.27 -13.75
N LEU B 3 17.61 -14.55 -14.34
CA LEU B 3 18.69 -13.59 -14.43
C LEU B 3 18.20 -12.48 -15.35
N TRP B 4 17.40 -12.88 -16.34
CA TRP B 4 17.04 -12.03 -17.46
C TRP B 4 15.88 -11.07 -17.18
N ARG B 5 16.00 -9.85 -17.71
CA ARG B 5 14.89 -8.91 -17.75
C ARG B 5 14.14 -9.14 -19.06
N GLN B 6 14.88 -9.02 -20.16
CA GLN B 6 14.38 -9.39 -21.48
C GLN B 6 14.58 -10.89 -21.71
N THR B 7 13.49 -11.61 -22.00
CA THR B 7 13.60 -13.04 -22.32
C THR B 7 14.47 -13.25 -23.53
N PRO B 8 15.52 -14.08 -23.39
CA PRO B 8 16.40 -14.30 -24.54
C PRO B 8 15.67 -14.97 -25.71
N ASP B 9 15.88 -14.45 -26.91
CA ASP B 9 15.34 -15.06 -28.11
C ASP B 9 16.50 -15.24 -29.08
N LEU B 10 16.95 -16.48 -29.23
CA LEU B 10 18.17 -16.77 -29.97
C LEU B 10 18.14 -16.27 -31.41
N GLU B 11 17.00 -16.43 -32.07
CA GLU B 11 16.86 -15.91 -33.43
C GLU B 11 17.13 -14.42 -33.48
N GLN B 12 16.57 -13.69 -32.52
CA GLN B 12 16.75 -12.24 -32.44
C GLN B 12 18.19 -11.88 -32.08
N LEU B 13 18.78 -12.64 -31.17
CA LEU B 13 20.18 -12.42 -30.77
C LEU B 13 21.10 -12.55 -31.99
N ASN B 14 20.90 -13.61 -32.75
CA ASN B 14 21.69 -13.87 -33.95
C ASN B 14 21.52 -12.81 -35.03
N ALA B 15 20.27 -12.40 -35.29
CA ALA B 15 20.02 -11.38 -36.31
C ALA B 15 20.56 -10.00 -35.95
N SER B 16 20.69 -9.72 -34.65
CA SER B 16 21.18 -8.40 -34.23
C SER B 16 22.68 -8.20 -34.52
N GLN B 17 23.35 -9.25 -34.98
CA GLN B 17 24.79 -9.19 -35.23
C GLN B 17 25.16 -8.75 -36.65
N LYS B 18 24.17 -8.59 -37.51
CA LYS B 18 24.43 -8.22 -38.92
C LYS B 18 25.29 -6.96 -39.01
N ASN B 19 26.25 -6.97 -39.93
CA ASN B 19 27.19 -5.87 -40.12
C ASN B 19 28.07 -5.59 -38.89
N SER B 20 28.44 -6.66 -38.17
CA SER B 20 29.36 -6.53 -37.06
C SER B 20 30.30 -7.74 -37.02
N ILE B 21 31.32 -7.68 -36.17
CA ILE B 21 32.33 -8.73 -36.13
C ILE B 21 31.75 -10.12 -35.82
N GLY B 22 30.73 -10.16 -34.98
CA GLY B 22 30.11 -11.43 -34.62
C GLY B 22 29.53 -12.17 -35.81
N ASP B 23 28.92 -11.42 -36.71
CA ASP B 23 28.40 -12.00 -37.95
C ASP B 23 29.56 -12.46 -38.83
N LEU B 24 30.59 -11.62 -38.94
CA LEU B 24 31.75 -11.93 -39.75
C LEU B 24 32.47 -13.20 -39.29
N LEU B 25 32.55 -13.40 -37.98
CA LEU B 25 33.28 -14.55 -37.45
C LEU B 25 32.42 -15.77 -37.28
N GLY B 26 31.13 -15.66 -37.58
CA GLY B 26 30.23 -16.80 -37.49
C GLY B 26 29.79 -17.14 -36.07
N ILE B 27 29.80 -16.15 -35.19
CA ILE B 27 29.32 -16.36 -33.83
C ILE B 27 27.83 -16.64 -33.84
N ARG B 28 27.43 -17.68 -33.13
CA ARG B 28 26.03 -18.12 -33.10
C ARG B 28 25.57 -18.34 -31.67
N PHE B 29 24.51 -17.65 -31.26
CA PHE B 29 23.92 -17.91 -29.94
C PHE B 29 23.12 -19.21 -29.97
N GLU B 30 23.39 -20.11 -29.02
CA GLU B 30 23.00 -21.52 -29.15
C GLU B 30 21.92 -21.94 -28.18
N ALA B 31 22.01 -21.42 -26.96
CA ALA B 31 21.18 -21.89 -25.88
C ALA B 31 21.16 -20.88 -24.76
N PHE B 32 20.12 -20.97 -23.93
CA PHE B 32 20.09 -20.19 -22.69
C PHE B 32 19.28 -20.96 -21.67
N ASP B 33 19.48 -20.65 -20.41
CA ASP B 33 18.57 -21.09 -19.37
C ASP B 33 18.44 -20.00 -18.32
N ASP B 34 17.96 -20.36 -17.13
CA ASP B 34 17.68 -19.37 -16.10
C ASP B 34 18.95 -18.71 -15.58
N GLU B 35 20.09 -19.35 -15.79
CA GLU B 35 21.35 -18.93 -15.18
C GLU B 35 22.46 -18.65 -16.18
N SER B 36 22.22 -18.89 -17.46
CA SER B 36 23.35 -18.87 -18.39
C SER B 36 22.94 -18.59 -19.83
N LEU B 37 23.91 -18.12 -20.61
CA LEU B 37 23.72 -17.89 -22.03
C LEU B 37 24.89 -18.54 -22.76
N THR B 38 24.60 -19.24 -23.85
CA THR B 38 25.62 -20.00 -24.59
C THR B 38 25.73 -19.56 -26.05
N ALA B 39 26.97 -19.47 -26.54
CA ALA B 39 27.23 -19.09 -27.92
C ALA B 39 28.46 -19.85 -28.42
N SER B 40 28.54 -20.08 -29.73
CA SER B 40 29.68 -20.80 -30.30
C SER B 40 30.26 -20.06 -31.51
N MET B 41 31.46 -20.47 -31.91
CA MET B 41 32.18 -19.80 -32.99
C MET B 41 33.01 -20.85 -33.71
N PRO B 42 33.07 -20.77 -35.05
CA PRO B 42 33.92 -21.72 -35.78
C PRO B 42 35.42 -21.48 -35.54
N VAL B 43 36.19 -22.57 -35.57
CA VAL B 43 37.65 -22.49 -35.56
C VAL B 43 38.12 -22.81 -36.97
N ASP B 44 38.39 -21.78 -37.74
CA ASP B 44 38.86 -21.93 -39.13
C ASP B 44 39.68 -20.71 -39.55
N SER B 45 39.89 -20.54 -40.86
CA SER B 45 40.72 -19.45 -41.34
C SER B 45 40.24 -18.06 -40.87
N ARG B 46 38.95 -17.93 -40.57
CA ARG B 46 38.39 -16.67 -40.08
C ARG B 46 38.85 -16.34 -38.66
N THR B 47 39.17 -17.39 -37.89
CA THR B 47 39.45 -17.20 -36.47
C THR B 47 40.85 -17.71 -36.06
N HIS B 48 41.60 -18.24 -37.02
CA HIS B 48 42.97 -18.72 -36.76
C HIS B 48 43.98 -17.60 -36.62
N GLN B 49 45.04 -17.85 -35.86
CA GLN B 49 46.24 -17.03 -35.93
C GLN B 49 47.14 -17.63 -37.03
N PRO B 50 48.28 -16.99 -37.36
CA PRO B 50 49.01 -17.47 -38.55
C PRO B 50 49.59 -18.90 -38.49
N PHE B 51 49.46 -19.58 -37.37
CA PHE B 51 50.00 -20.93 -37.24
C PHE B 51 48.90 -21.99 -37.23
N GLY B 52 47.68 -21.56 -37.54
CA GLY B 52 46.58 -22.49 -37.73
C GLY B 52 45.85 -22.87 -36.47
N LEU B 53 46.11 -22.13 -35.40
CA LEU B 53 45.39 -22.34 -34.15
C LEU B 53 44.42 -21.20 -33.90
N LEU B 54 43.37 -21.45 -33.12
CA LEU B 54 42.44 -20.39 -32.74
C LEU B 54 43.21 -19.23 -32.12
N HIS B 55 43.03 -18.04 -32.70
CA HIS B 55 43.64 -16.81 -32.20
C HIS B 55 43.07 -16.55 -30.79
N GLY B 56 43.94 -16.28 -29.82
CA GLY B 56 43.48 -16.02 -28.47
C GLY B 56 42.54 -14.83 -28.41
N GLY B 57 42.78 -13.86 -29.27
CA GLY B 57 41.91 -12.69 -29.36
C GLY B 57 40.53 -13.07 -29.83
N ALA B 58 40.44 -14.08 -30.69
CA ALA B 58 39.13 -14.47 -31.20
C ALA B 58 38.31 -15.12 -30.08
N SER B 59 39.00 -15.81 -29.15
CA SER B 59 38.32 -16.37 -27.99
C SER B 59 37.71 -15.21 -27.20
N VAL B 60 38.45 -14.11 -27.11
CA VAL B 60 37.99 -12.94 -26.37
C VAL B 60 36.85 -12.23 -27.10
N VAL B 61 36.90 -12.19 -28.43
CA VAL B 61 35.75 -11.65 -29.17
C VAL B 61 34.48 -12.44 -28.82
N LEU B 62 34.58 -13.77 -28.84
CA LEU B 62 33.42 -14.59 -28.47
C LEU B 62 32.95 -14.26 -27.05
N ALA B 63 33.88 -14.25 -26.11
CA ALA B 63 33.53 -14.01 -24.70
C ALA B 63 32.89 -12.64 -24.53
N GLU B 64 33.47 -11.62 -25.13
CA GLU B 64 32.95 -10.27 -24.93
C GLU B 64 31.60 -10.10 -25.66
N SER B 65 31.44 -10.73 -26.83
CA SER B 65 30.15 -10.74 -27.52
C SER B 65 29.05 -11.33 -26.66
N LEU B 66 29.36 -12.49 -26.09
CA LEU B 66 28.42 -13.22 -25.26
C LEU B 66 28.08 -12.41 -24.02
N GLY B 67 29.11 -11.93 -23.31
CA GLY B 67 28.88 -11.21 -22.08
C GLY B 67 28.18 -9.88 -22.29
N SER B 68 28.53 -9.20 -23.38
CA SER B 68 27.87 -7.94 -23.72
C SER B 68 26.39 -8.15 -23.98
N MET B 69 26.08 -9.23 -24.70
CA MET B 69 24.70 -9.56 -25.00
C MET B 69 23.94 -9.91 -23.73
N ALA B 70 24.59 -10.68 -22.86
CA ALA B 70 23.98 -11.04 -21.58
C ALA B 70 23.63 -9.80 -20.75
N SER B 71 24.55 -8.84 -20.69
CA SER B 71 24.27 -7.60 -19.95
C SER B 71 23.08 -6.86 -20.52
N TYR B 72 23.04 -6.76 -21.84
CA TYR B 72 21.95 -6.12 -22.56
C TYR B 72 20.59 -6.71 -22.18
N LEU B 73 20.57 -8.02 -21.95
CA LEU B 73 19.34 -8.73 -21.58
C LEU B 73 18.99 -8.58 -20.10
N CYS B 74 19.88 -7.94 -19.33
CA CYS B 74 19.67 -7.79 -17.89
C CYS B 74 19.32 -6.39 -17.44
N VAL B 75 19.46 -5.39 -18.32
CA VAL B 75 19.20 -4.01 -17.92
C VAL B 75 17.92 -3.44 -18.53
N ASP B 76 17.45 -2.32 -17.97
CA ASP B 76 16.40 -1.53 -18.60
C ASP B 76 17.01 -0.78 -19.77
N THR B 77 16.86 -1.33 -20.97
CA THR B 77 17.49 -0.76 -22.15
C THR B 77 16.91 0.57 -22.58
N SER B 78 15.85 1.02 -21.91
CA SER B 78 15.25 2.31 -22.23
C SER B 78 15.89 3.42 -21.38
N GLN B 79 16.75 3.03 -20.45
CA GLN B 79 17.41 4.00 -19.58
C GLN B 79 18.92 3.84 -19.55
N TYR B 80 19.39 2.63 -19.87
CA TYR B 80 20.80 2.30 -19.73
C TYR B 80 21.35 1.58 -20.93
N TYR B 81 22.65 1.73 -21.16
CA TYR B 81 23.35 0.82 -22.05
C TYR B 81 24.59 0.29 -21.33
N CYS B 82 25.17 -0.78 -21.85
CA CYS B 82 26.33 -1.38 -21.21
C CYS B 82 27.49 -1.40 -22.17
N VAL B 83 28.70 -1.15 -21.68
CA VAL B 83 29.88 -1.28 -22.53
C VAL B 83 30.98 -2.00 -21.76
N GLY B 84 31.81 -2.74 -22.47
CA GLY B 84 32.90 -3.45 -21.81
C GLY B 84 33.84 -2.46 -21.15
N LEU B 85 34.24 -2.76 -19.92
CA LEU B 85 35.15 -1.91 -19.15
C LEU B 85 36.52 -2.58 -18.97
N GLU B 86 36.51 -3.85 -18.59
CA GLU B 86 37.76 -4.63 -18.40
C GLU B 86 37.49 -6.06 -18.84
N VAL B 87 38.47 -6.67 -19.50
CA VAL B 87 38.31 -8.10 -19.82
C VAL B 87 39.64 -8.81 -19.58
N ASN B 88 39.57 -10.07 -19.15
CA ASN B 88 40.80 -10.86 -19.00
C ASN B 88 40.55 -12.32 -19.34
N ALA B 89 41.59 -13.04 -19.75
CA ALA B 89 41.41 -14.44 -20.14
C ALA B 89 42.68 -15.22 -19.94
N ASN B 90 42.55 -16.47 -19.51
CA ASN B 90 43.65 -17.43 -19.57
C ASN B 90 43.39 -18.37 -20.73
N HIS B 91 44.38 -18.53 -21.61
CA HIS B 91 44.29 -19.47 -22.72
C HIS B 91 44.84 -20.81 -22.24
N LEU B 92 44.00 -21.84 -22.19
CA LEU B 92 44.32 -23.09 -21.50
C LEU B 92 44.79 -24.19 -22.44
N ARG B 93 44.11 -24.30 -23.57
CA ARG B 93 44.39 -25.33 -24.57
C ARG B 93 44.19 -24.76 -25.96
N GLY B 94 45.03 -25.17 -26.91
CA GLY B 94 44.84 -24.73 -28.28
C GLY B 94 43.77 -25.54 -29.01
N LEU B 95 43.18 -24.93 -30.03
CA LEU B 95 42.21 -25.60 -30.89
C LEU B 95 42.57 -25.34 -32.35
N ARG B 96 42.35 -26.34 -33.21
CA ARG B 96 42.68 -26.19 -34.63
C ARG B 96 41.47 -26.24 -35.53
N SER B 97 40.46 -26.99 -35.11
CA SER B 97 39.27 -27.16 -35.95
C SER B 97 38.00 -27.31 -35.12
N GLY B 98 36.87 -27.36 -35.81
CA GLY B 98 35.59 -27.53 -35.15
C GLY B 98 35.05 -26.19 -34.71
N ARG B 99 34.36 -26.19 -33.58
CA ARG B 99 33.83 -24.96 -33.02
C ARG B 99 34.30 -24.81 -31.58
N VAL B 100 34.30 -23.58 -31.08
CA VAL B 100 34.54 -23.33 -29.66
C VAL B 100 33.24 -22.80 -29.07
N THR B 101 32.86 -23.33 -27.92
CA THR B 101 31.60 -22.99 -27.26
C THR B 101 31.88 -22.25 -25.96
N ALA B 102 31.19 -21.12 -25.78
CA ALA B 102 31.32 -20.29 -24.59
C ALA B 102 30.01 -20.28 -23.79
N VAL B 103 30.13 -20.40 -22.47
CA VAL B 103 28.97 -20.31 -21.59
C VAL B 103 29.21 -19.16 -20.61
N ALA B 104 28.28 -18.22 -20.55
CA ALA B 104 28.41 -17.10 -19.62
C ALA B 104 27.47 -17.27 -18.43
N ARG B 105 28.00 -17.00 -17.23
CA ARG B 105 27.24 -17.03 -16.00
CA ARG B 105 27.24 -17.03 -16.00
C ARG B 105 27.53 -15.77 -15.20
N ALA B 106 26.54 -15.29 -14.45
CA ALA B 106 26.73 -14.05 -13.71
C ALA B 106 27.55 -14.23 -12.43
N ILE B 107 28.45 -13.29 -12.18
CA ILE B 107 29.14 -13.26 -10.88
C ILE B 107 28.50 -12.17 -10.02
N HIS B 108 28.24 -11.04 -10.66
CA HIS B 108 27.68 -9.88 -9.94
C HIS B 108 27.01 -8.91 -10.91
N LEU B 109 25.73 -8.62 -10.68
CA LEU B 109 25.01 -7.64 -11.48
C LEU B 109 24.67 -6.45 -10.61
N GLY B 110 25.60 -5.51 -10.47
CA GLY B 110 25.39 -4.31 -9.68
C GLY B 110 24.70 -3.22 -10.48
N ARG B 111 24.49 -2.06 -9.85
CA ARG B 111 23.84 -0.96 -10.54
C ARG B 111 24.74 -0.28 -11.56
N THR B 112 26.05 -0.27 -11.32
CA THR B 112 26.96 0.43 -12.23
C THR B 112 27.94 -0.49 -12.96
N THR B 113 28.10 -1.72 -12.47
CA THR B 113 28.95 -2.71 -13.15
C THR B 113 28.32 -4.10 -13.15
N HIS B 114 28.61 -4.89 -14.20
CA HIS B 114 28.28 -6.32 -14.20
C HIS B 114 29.58 -7.09 -14.34
N VAL B 115 29.67 -8.25 -13.71
CA VAL B 115 30.84 -9.13 -13.89
C VAL B 115 30.36 -10.50 -14.35
N TRP B 116 30.87 -10.97 -15.49
CA TRP B 116 30.49 -12.26 -16.07
C TRP B 116 31.65 -13.25 -16.06
N ASP B 117 31.34 -14.50 -15.73
CA ASP B 117 32.29 -15.63 -15.83
C ASP B 117 32.01 -16.35 -17.14
N ILE B 118 33.02 -16.50 -18.00
CA ILE B 118 32.79 -17.12 -19.31
C ILE B 118 33.76 -18.29 -19.51
N ARG B 119 33.22 -19.48 -19.75
CA ARG B 119 34.05 -20.68 -19.93
C ARG B 119 33.95 -21.16 -21.37
N LEU B 120 35.10 -21.39 -22.00
CA LEU B 120 35.11 -21.84 -23.40
C LEU B 120 35.68 -23.26 -23.46
N SER B 121 35.17 -24.06 -24.38
CA SER B 121 35.74 -25.39 -24.62
C SER B 121 35.62 -25.74 -26.10
N GLY B 122 36.50 -26.63 -26.55
CA GLY B 122 36.42 -27.12 -27.92
C GLY B 122 35.45 -28.29 -28.00
N ASP B 123 35.34 -28.90 -29.17
CA ASP B 123 34.36 -29.96 -29.35
C ASP B 123 34.65 -31.21 -28.51
N ASP B 124 35.87 -31.36 -28.01
CA ASP B 124 36.19 -32.49 -27.12
C ASP B 124 35.71 -32.25 -25.70
N GLY B 125 35.21 -31.03 -25.44
CA GLY B 125 34.66 -30.69 -24.14
C GLY B 125 35.68 -30.25 -23.09
N LYS B 126 36.96 -30.24 -23.46
CA LYS B 126 38.00 -29.83 -22.52
C LYS B 126 38.09 -28.31 -22.47
N PRO B 127 38.20 -27.74 -21.26
CA PRO B 127 38.38 -26.29 -21.13
C PRO B 127 39.51 -25.74 -22.01
N SER B 128 39.21 -24.74 -22.84
CA SER B 128 40.20 -24.17 -23.74
C SER B 128 40.59 -22.75 -23.36
N CYS B 129 39.66 -22.05 -22.72
CA CYS B 129 39.91 -20.68 -22.31
C CYS B 129 38.93 -20.35 -21.17
N ILE B 130 39.38 -19.53 -20.21
CA ILE B 130 38.44 -18.97 -19.25
C ILE B 130 38.59 -17.46 -19.26
N ALA B 131 37.47 -16.74 -19.31
CA ALA B 131 37.50 -15.28 -19.36
C ALA B 131 36.66 -14.67 -18.24
N ARG B 132 37.02 -13.46 -17.80
CA ARG B 132 36.15 -12.72 -16.90
C ARG B 132 35.97 -11.32 -17.45
N LEU B 133 34.72 -10.86 -17.49
CA LEU B 133 34.41 -9.61 -18.17
C LEU B 133 33.67 -8.66 -17.23
N THR B 134 34.10 -7.40 -17.23
CA THR B 134 33.44 -6.36 -16.42
C THR B 134 32.81 -5.39 -17.39
N MET B 135 31.50 -5.16 -17.24
CA MET B 135 30.78 -4.22 -18.07
C MET B 135 30.43 -3.01 -17.22
N ALA B 136 30.50 -1.83 -17.81
CA ALA B 136 29.96 -0.64 -17.17
C ALA B 136 28.52 -0.44 -17.61
N VAL B 137 27.66 -0.06 -16.66
CA VAL B 137 26.26 0.24 -16.94
C VAL B 137 26.12 1.76 -16.94
N VAL B 138 25.72 2.30 -18.08
CA VAL B 138 25.81 3.74 -18.32
C VAL B 138 24.43 4.32 -18.59
N PRO B 139 24.07 5.42 -17.89
CA PRO B 139 22.84 6.17 -18.18
C PRO B 139 22.76 6.62 -19.65
N LEU B 140 21.60 6.44 -20.26
CA LEU B 140 21.42 6.64 -21.70
C LEU B 140 21.08 8.10 -22.04
N SER C 2 -18.94 -19.03 20.84
CA SER C 2 -18.59 -17.91 21.72
C SER C 2 -17.76 -16.87 20.98
N LEU C 3 -18.45 -15.93 20.34
CA LEU C 3 -17.78 -14.81 19.69
C LEU C 3 -17.45 -13.76 20.75
N TRP C 4 -18.49 -13.29 21.41
CA TRP C 4 -18.35 -12.21 22.38
C TRP C 4 -17.64 -12.72 23.62
N ARG C 5 -16.86 -11.84 24.25
CA ARG C 5 -16.13 -12.21 25.46
C ARG C 5 -17.08 -12.36 26.64
N GLN C 6 -18.05 -11.45 26.70
CA GLN C 6 -19.13 -11.47 27.67
C GLN C 6 -20.41 -11.16 26.92
N THR C 7 -21.56 -11.61 27.44
CA THR C 7 -22.84 -11.40 26.77
C THR C 7 -23.08 -9.92 26.48
N PRO C 8 -23.38 -9.58 25.21
CA PRO C 8 -23.68 -8.18 24.87
C PRO C 8 -24.91 -7.66 25.60
N ASP C 9 -24.91 -6.35 25.86
CA ASP C 9 -26.04 -5.66 26.49
C ASP C 9 -26.36 -4.47 25.60
N LEU C 10 -27.51 -4.52 24.93
CA LEU C 10 -27.87 -3.48 23.96
C LEU C 10 -28.01 -2.10 24.59
N GLU C 11 -28.63 -2.03 25.76
CA GLU C 11 -28.82 -0.74 26.43
C GLU C 11 -27.47 -0.10 26.71
N GLN C 12 -26.50 -0.92 27.08
CA GLN C 12 -25.14 -0.47 27.36
C GLN C 12 -24.48 0.05 26.09
N LEU C 13 -24.69 -0.66 24.99
CA LEU C 13 -24.13 -0.26 23.70
C LEU C 13 -24.69 1.09 23.29
N ASN C 14 -26.01 1.23 23.41
CA ASN C 14 -26.68 2.47 23.03
C ASN C 14 -26.32 3.64 23.92
N ALA C 15 -26.15 3.37 25.21
CA ALA C 15 -25.78 4.41 26.17
C ALA C 15 -24.38 4.94 25.91
N SER C 16 -23.47 4.07 25.50
CA SER C 16 -22.06 4.46 25.33
C SER C 16 -21.86 5.45 24.19
N GLN C 17 -22.81 5.47 23.25
CA GLN C 17 -22.75 6.34 22.09
C GLN C 17 -23.07 7.81 22.35
N LYS C 18 -23.63 8.09 23.52
CA LYS C 18 -24.19 9.42 23.78
C LYS C 18 -23.21 10.56 23.57
N ASN C 19 -23.71 11.63 22.94
CA ASN C 19 -22.90 12.80 22.61
C ASN C 19 -21.71 12.53 21.70
N SER C 20 -21.91 11.61 20.74
CA SER C 20 -20.93 11.33 19.71
C SER C 20 -21.65 11.27 18.37
N ILE C 21 -20.91 11.09 17.27
CA ILE C 21 -21.52 11.11 15.95
C ILE C 21 -22.63 10.07 15.82
N GLY C 22 -22.42 8.90 16.41
CA GLY C 22 -23.41 7.84 16.33
C GLY C 22 -24.77 8.24 16.91
N ASP C 23 -24.73 8.88 18.08
CA ASP C 23 -25.93 9.44 18.71
C ASP C 23 -26.54 10.52 17.79
N LEU C 24 -25.69 11.40 17.28
CA LEU C 24 -26.14 12.49 16.41
C LEU C 24 -26.90 12.02 15.16
N LEU C 25 -26.46 10.90 14.59
CA LEU C 25 -27.04 10.39 13.36
C LEU C 25 -28.17 9.41 13.62
N GLY C 26 -28.47 9.16 14.89
CA GLY C 26 -29.58 8.28 15.24
C GLY C 26 -29.29 6.79 15.15
N ILE C 27 -28.00 6.42 15.19
CA ILE C 27 -27.65 5.00 15.19
C ILE C 27 -28.18 4.28 16.45
N ARG C 28 -28.84 3.14 16.26
CA ARG C 28 -29.32 2.33 17.39
C ARG C 28 -28.87 0.88 17.24
N PHE C 29 -28.29 0.32 18.31
CA PHE C 29 -27.96 -1.11 18.31
C PHE C 29 -29.21 -1.92 18.58
N GLU C 30 -29.59 -2.75 17.62
CA GLU C 30 -30.91 -3.37 17.56
C GLU C 30 -31.01 -4.76 18.15
N ALA C 31 -29.98 -5.56 17.91
CA ALA C 31 -30.07 -7.00 18.17
C ALA C 31 -28.69 -7.61 18.17
N PHE C 32 -28.59 -8.80 18.77
CA PHE C 32 -27.38 -9.60 18.66
C PHE C 32 -27.74 -11.06 18.76
N ASP C 33 -26.88 -11.92 18.23
CA ASP C 33 -26.94 -13.35 18.54
C ASP C 33 -25.53 -13.90 18.71
N ASP C 34 -25.37 -15.21 18.68
CA ASP C 34 -24.06 -15.81 18.93
C ASP C 34 -23.02 -15.40 17.90
N GLU C 35 -23.49 -15.03 16.71
CA GLU C 35 -22.61 -14.83 15.57
C GLU C 35 -22.65 -13.43 14.97
N SER C 36 -23.56 -12.59 15.43
CA SER C 36 -23.75 -11.28 14.80
C SER C 36 -24.23 -10.17 15.74
N LEU C 37 -24.02 -8.94 15.28
CA LEU C 37 -24.49 -7.76 16.00
C LEU C 37 -25.13 -6.87 14.95
N THR C 38 -26.28 -6.29 15.28
CA THR C 38 -27.11 -5.54 14.33
C THR C 38 -27.36 -4.12 14.82
N ALA C 39 -27.21 -3.14 13.91
CA ALA C 39 -27.55 -1.74 14.24
C ALA C 39 -28.23 -1.10 13.05
N SER C 40 -29.00 -0.05 13.30
CA SER C 40 -29.69 0.65 12.22
C SER C 40 -29.55 2.16 12.36
N MET C 41 -29.89 2.88 11.29
CA MET C 41 -29.70 4.33 11.24
C MET C 41 -30.78 4.87 10.34
N PRO C 42 -31.34 6.05 10.69
CA PRO C 42 -32.35 6.64 9.83
C PRO C 42 -31.76 7.16 8.52
N VAL C 43 -32.52 7.09 7.44
CA VAL C 43 -32.16 7.77 6.20
C VAL C 43 -33.03 9.02 6.13
N ASP C 44 -32.45 10.16 6.52
CA ASP C 44 -33.16 11.45 6.47
C ASP C 44 -32.18 12.60 6.27
N SER C 45 -32.59 13.82 6.57
CA SER C 45 -31.74 14.99 6.33
C SER C 45 -30.41 14.90 7.07
N ARG C 46 -30.38 14.15 8.17
CA ARG C 46 -29.13 13.98 8.92
C ARG C 46 -28.12 13.12 8.18
N THR C 47 -28.59 12.24 7.31
CA THR C 47 -27.71 11.24 6.67
C THR C 47 -27.74 11.31 5.15
N HIS C 48 -28.56 12.20 4.59
CA HIS C 48 -28.57 12.40 3.15
C HIS C 48 -27.31 13.11 2.65
N GLN C 49 -26.97 12.85 1.37
CA GLN C 49 -26.06 13.71 0.61
C GLN C 49 -26.94 14.74 -0.12
N PRO C 50 -26.34 15.76 -0.78
CA PRO C 50 -27.19 16.85 -1.29
C PRO C 50 -28.28 16.50 -2.32
N PHE C 51 -28.27 15.29 -2.87
CA PHE C 51 -29.32 14.90 -3.82
C PHE C 51 -30.46 14.10 -3.18
N GLY C 52 -30.43 14.00 -1.85
CA GLY C 52 -31.54 13.41 -1.13
C GLY C 52 -31.49 11.90 -0.97
N LEU C 53 -30.35 11.30 -1.31
CA LEU C 53 -30.11 9.88 -1.08
C LEU C 53 -29.18 9.74 0.12
N LEU C 54 -29.15 8.55 0.72
CA LEU C 54 -28.24 8.29 1.84
C LEU C 54 -26.81 8.51 1.35
N HIS C 55 -26.04 9.29 2.11
CA HIS C 55 -24.65 9.58 1.78
C HIS C 55 -23.81 8.30 1.95
N GLY C 56 -22.96 7.99 0.98
CA GLY C 56 -22.16 6.78 1.07
C GLY C 56 -21.28 6.75 2.30
N GLY C 57 -20.86 7.93 2.73
CA GLY C 57 -20.07 8.04 3.95
C GLY C 57 -20.87 7.70 5.19
N ALA C 58 -22.16 8.02 5.18
CA ALA C 58 -23.02 7.70 6.32
C ALA C 58 -23.16 6.19 6.49
N SER C 59 -23.23 5.47 5.37
CA SER C 59 -23.20 4.01 5.43
C SER C 59 -21.92 3.54 6.12
N VAL C 60 -20.79 4.19 5.82
CA VAL C 60 -19.52 3.78 6.41
C VAL C 60 -19.43 4.16 7.90
N VAL C 61 -20.04 5.29 8.28
CA VAL C 61 -20.10 5.63 9.71
C VAL C 61 -20.85 4.51 10.43
N LEU C 62 -21.97 4.08 9.87
CA LEU C 62 -22.75 3.01 10.52
C LEU C 62 -21.92 1.73 10.60
N ALA C 63 -21.24 1.37 9.52
CA ALA C 63 -20.47 0.14 9.49
C ALA C 63 -19.31 0.19 10.47
N GLU C 64 -18.59 1.31 10.49
CA GLU C 64 -17.45 1.44 11.40
C GLU C 64 -17.89 1.55 12.88
N SER C 65 -19.01 2.21 13.15
CA SER C 65 -19.58 2.23 14.51
C SER C 65 -19.92 0.81 14.96
N LEU C 66 -20.56 0.06 14.08
CA LEU C 66 -20.96 -1.31 14.39
C LEU C 66 -19.78 -2.25 14.59
N GLY C 67 -18.85 -2.24 13.64
CA GLY C 67 -17.73 -3.17 13.68
C GLY C 67 -16.82 -2.83 14.85
N SER C 68 -16.69 -1.53 15.14
CA SER C 68 -15.84 -1.14 16.26
C SER C 68 -16.43 -1.61 17.58
N MET C 69 -17.73 -1.42 17.73
CA MET C 69 -18.43 -1.88 18.94
C MET C 69 -18.34 -3.39 19.08
N ALA C 70 -18.46 -4.08 17.95
CA ALA C 70 -18.32 -5.54 17.93
C ALA C 70 -16.93 -5.98 18.42
N SER C 71 -15.89 -5.23 18.05
CA SER C 71 -14.55 -5.53 18.52
C SER C 71 -14.42 -5.35 20.02
N TYR C 72 -14.97 -4.26 20.54
CA TYR C 72 -14.93 -4.01 21.97
C TYR C 72 -15.62 -5.13 22.76
N LEU C 73 -16.66 -5.71 22.16
CA LEU C 73 -17.38 -6.81 22.77
C LEU C 73 -16.56 -8.11 22.78
N CYS C 74 -15.49 -8.16 21.98
CA CYS C 74 -14.70 -9.39 21.88
C CYS C 74 -13.38 -9.35 22.65
N VAL C 75 -13.09 -8.22 23.28
CA VAL C 75 -11.87 -8.11 24.06
C VAL C 75 -12.16 -7.63 25.47
N ASP C 76 -11.23 -7.89 26.38
CA ASP C 76 -11.30 -7.34 27.74
C ASP C 76 -10.98 -5.86 27.67
N THR C 77 -12.00 -5.02 27.83
CA THR C 77 -11.83 -3.58 27.65
C THR C 77 -11.07 -2.92 28.81
N SER C 78 -10.67 -3.72 29.80
CA SER C 78 -9.80 -3.20 30.85
C SER C 78 -8.33 -3.47 30.52
N GLN C 79 -8.10 -4.20 29.44
CA GLN C 79 -6.74 -4.54 29.00
C GLN C 79 -6.42 -3.97 27.61
N TYR C 80 -7.43 -3.95 26.73
CA TYR C 80 -7.23 -3.52 25.35
C TYR C 80 -8.20 -2.43 24.92
N TYR C 81 -7.81 -1.68 23.90
CA TYR C 81 -8.77 -0.84 23.19
C TYR C 81 -8.64 -1.13 21.70
N CYS C 82 -9.65 -0.73 20.93
CA CYS C 82 -9.70 -1.10 19.52
C CYS C 82 -9.92 0.16 18.68
N VAL C 83 -9.18 0.27 17.59
CA VAL C 83 -9.38 1.40 16.68
C VAL C 83 -9.37 0.93 15.25
N GLY C 84 -10.20 1.55 14.42
CA GLY C 84 -10.24 1.18 13.02
C GLY C 84 -8.91 1.47 12.35
N LEU C 85 -8.43 0.50 11.58
CA LEU C 85 -7.17 0.60 10.87
C LEU C 85 -7.42 0.85 9.38
N GLU C 86 -8.34 0.07 8.80
CA GLU C 86 -8.69 0.19 7.38
C GLU C 86 -10.18 -0.10 7.22
N VAL C 87 -10.86 0.63 6.34
CA VAL C 87 -12.28 0.34 6.08
C VAL C 87 -12.51 0.44 4.59
N ASN C 88 -13.39 -0.40 4.06
CA ASN C 88 -13.71 -0.27 2.65
C ASN C 88 -15.17 -0.63 2.41
N ALA C 89 -15.73 -0.18 1.30
CA ALA C 89 -17.16 -0.42 1.07
C ALA C 89 -17.49 -0.33 -0.39
N ASN C 90 -18.42 -1.17 -0.84
CA ASN C 90 -19.03 -1.04 -2.17
C ASN C 90 -20.45 -0.52 -1.97
N HIS C 91 -20.82 0.52 -2.71
CA HIS C 91 -22.16 1.06 -2.64
C HIS C 91 -23.02 0.43 -3.73
N LEU C 92 -24.08 -0.25 -3.31
CA LEU C 92 -24.81 -1.16 -4.19
C LEU C 92 -26.10 -0.56 -4.72
N ARG C 93 -26.90 0.01 -3.81
CA ARG C 93 -28.18 0.62 -4.14
C ARG C 93 -28.39 1.90 -3.34
N GLY C 94 -29.04 2.89 -3.95
CA GLY C 94 -29.38 4.10 -3.22
C GLY C 94 -30.58 3.93 -2.32
N LEU C 95 -30.60 4.69 -1.22
CA LEU C 95 -31.75 4.70 -0.32
C LEU C 95 -32.21 6.14 -0.09
N ARG C 96 -33.52 6.35 0.05
CA ARG C 96 -34.07 7.71 0.21
C ARG C 96 -34.71 7.96 1.57
N SER C 97 -35.33 6.94 2.13
CA SER C 97 -36.09 7.11 3.36
C SER C 97 -36.10 5.85 4.18
N GLY C 98 -36.75 5.91 5.34
CA GLY C 98 -36.79 4.77 6.23
C GLY C 98 -35.50 4.63 7.04
N ARG C 99 -35.05 3.40 7.23
CA ARG C 99 -33.81 3.17 7.96
C ARG C 99 -32.92 2.22 7.18
N VAL C 100 -31.61 2.33 7.39
CA VAL C 100 -30.68 1.38 6.82
C VAL C 100 -30.20 0.46 7.96
N THR C 101 -30.19 -0.85 7.74
CA THR C 101 -29.84 -1.78 8.79
C THR C 101 -28.53 -2.47 8.45
N ALA C 102 -27.62 -2.53 9.42
CA ALA C 102 -26.31 -3.16 9.21
C ALA C 102 -26.14 -4.37 10.11
N VAL C 103 -25.61 -5.44 9.54
CA VAL C 103 -25.31 -6.64 10.32
C VAL C 103 -23.82 -6.97 10.23
N ALA C 104 -23.18 -7.08 11.38
CA ALA C 104 -21.75 -7.39 11.43
C ALA C 104 -21.55 -8.85 11.82
N ARG C 105 -20.68 -9.53 11.08
CA ARG C 105 -20.23 -10.88 11.41
C ARG C 105 -18.71 -10.95 11.39
N ALA C 106 -18.14 -11.80 12.22
CA ALA C 106 -16.68 -11.93 12.26
C ALA C 106 -16.09 -12.73 11.11
N ILE C 107 -15.06 -12.19 10.46
CA ILE C 107 -14.30 -12.94 9.48
C ILE C 107 -13.07 -13.54 10.13
N HIS C 108 -12.43 -12.76 11.00
CA HIS C 108 -11.20 -13.22 11.66
C HIS C 108 -10.96 -12.42 12.93
N LEU C 109 -10.79 -13.10 14.05
CA LEU C 109 -10.42 -12.44 15.29
C LEU C 109 -9.03 -12.87 15.70
N GLY C 110 -8.03 -12.05 15.36
CA GLY C 110 -6.66 -12.34 15.71
C GLY C 110 -6.27 -11.65 17.00
N ARG C 111 -5.01 -11.81 17.41
CA ARG C 111 -4.55 -11.21 18.65
C ARG C 111 -4.42 -9.70 18.52
N THR C 112 -3.96 -9.27 17.34
CA THR C 112 -3.68 -7.85 17.13
C THR C 112 -4.60 -7.18 16.12
N THR C 113 -5.33 -7.97 15.32
CA THR C 113 -6.30 -7.40 14.38
C THR C 113 -7.59 -8.22 14.33
N HIS C 114 -8.71 -7.53 14.09
CA HIS C 114 -9.99 -8.18 13.84
C HIS C 114 -10.48 -7.75 12.45
N VAL C 115 -11.18 -8.63 11.76
CA VAL C 115 -11.76 -8.28 10.45
C VAL C 115 -13.26 -8.56 10.50
N TRP C 116 -14.09 -7.57 10.17
CA TRP C 116 -15.54 -7.69 10.28
C TRP C 116 -16.16 -7.56 8.90
N ASP C 117 -17.16 -8.41 8.64
CA ASP C 117 -17.98 -8.32 7.43
C ASP C 117 -19.27 -7.60 7.80
N ILE C 118 -19.57 -6.47 7.14
CA ILE C 118 -20.77 -5.71 7.48
C ILE C 118 -21.69 -5.57 6.27
N ARG C 119 -22.91 -6.11 6.39
CA ARG C 119 -23.86 -6.03 5.27
C ARG C 119 -24.98 -5.03 5.61
N LEU C 120 -25.25 -4.10 4.70
CA LEU C 120 -26.29 -3.12 4.95
C LEU C 120 -27.42 -3.32 3.95
N SER C 121 -28.64 -3.03 4.39
CA SER C 121 -29.81 -3.08 3.51
C SER C 121 -30.86 -2.10 4.00
N GLY C 122 -31.72 -1.68 3.09
CA GLY C 122 -32.81 -0.76 3.42
C GLY C 122 -34.03 -1.54 3.88
N ASP C 123 -35.14 -0.83 4.06
CA ASP C 123 -36.37 -1.45 4.57
C ASP C 123 -37.04 -2.41 3.59
N ASP C 124 -36.58 -2.44 2.34
CA ASP C 124 -37.05 -3.47 1.39
C ASP C 124 -36.21 -4.74 1.50
N GLY C 125 -35.20 -4.70 2.36
CA GLY C 125 -34.35 -5.85 2.60
C GLY C 125 -33.31 -6.15 1.53
N LYS C 126 -33.29 -5.36 0.46
CA LYS C 126 -32.29 -5.55 -0.60
C LYS C 126 -30.96 -4.95 -0.17
N PRO C 127 -29.84 -5.65 -0.44
CA PRO C 127 -28.50 -5.15 -0.13
C PRO C 127 -28.26 -3.75 -0.68
N SER C 128 -27.78 -2.83 0.17
CA SER C 128 -27.57 -1.46 -0.25
C SER C 128 -26.08 -1.10 -0.24
N CYS C 129 -25.34 -1.78 0.62
CA CYS C 129 -23.91 -1.54 0.79
C CYS C 129 -23.27 -2.76 1.42
N ILE C 130 -22.01 -3.02 1.09
CA ILE C 130 -21.24 -4.02 1.82
C ILE C 130 -19.92 -3.38 2.22
N ALA C 131 -19.51 -3.60 3.47
CA ALA C 131 -18.28 -3.01 3.99
C ALA C 131 -17.42 -4.07 4.65
N ARG C 132 -16.10 -3.85 4.64
CA ARG C 132 -15.22 -4.72 5.42
C ARG C 132 -14.34 -3.81 6.27
N LEU C 133 -14.20 -4.18 7.55
CA LEU C 133 -13.49 -3.33 8.50
C LEU C 133 -12.37 -4.10 9.14
N THR C 134 -11.19 -3.49 9.18
CA THR C 134 -10.06 -4.05 9.89
C THR C 134 -9.78 -3.21 11.14
N MET C 135 -9.79 -3.86 12.30
CA MET C 135 -9.57 -3.17 13.58
C MET C 135 -8.22 -3.54 14.11
N ALA C 136 -7.51 -2.56 14.68
CA ALA C 136 -6.30 -2.83 15.46
C ALA C 136 -6.69 -3.01 16.92
N VAL C 137 -6.15 -4.05 17.54
CA VAL C 137 -6.34 -4.31 18.97
C VAL C 137 -5.05 -3.90 19.70
N VAL C 138 -5.18 -2.93 20.58
CA VAL C 138 -4.03 -2.27 21.20
C VAL C 138 -4.07 -2.40 22.72
N PRO C 139 -2.97 -2.84 23.35
CA PRO C 139 -2.95 -2.93 24.82
C PRO C 139 -3.04 -1.54 25.46
N LEU C 140 -3.78 -1.43 26.57
CA LEU C 140 -3.91 -0.18 27.29
C LEU C 140 -2.57 0.31 27.82
N SER D 2 -7.57 22.86 -16.89
CA SER D 2 -7.80 22.33 -15.56
C SER D 2 -8.78 21.16 -15.60
N LEU D 3 -9.05 20.58 -14.43
CA LEU D 3 -9.96 19.44 -14.30
C LEU D 3 -11.40 19.83 -14.56
N TRP D 4 -11.77 21.03 -14.16
CA TRP D 4 -13.17 21.39 -14.04
C TRP D 4 -13.80 21.82 -15.36
N ARG D 5 -15.03 21.38 -15.58
CA ARG D 5 -15.81 21.75 -16.76
C ARG D 5 -16.28 23.20 -16.66
N GLN D 6 -16.46 23.65 -15.42
CA GLN D 6 -16.96 24.98 -15.08
C GLN D 6 -16.13 25.43 -13.87
N THR D 7 -15.89 26.72 -13.71
CA THR D 7 -15.17 27.20 -12.53
C THR D 7 -15.99 26.84 -11.29
N PRO D 8 -15.36 26.21 -10.29
CA PRO D 8 -16.08 25.89 -9.05
C PRO D 8 -16.49 27.16 -8.31
N ASP D 9 -17.69 27.14 -7.73
CA ASP D 9 -18.19 28.22 -6.90
C ASP D 9 -18.28 27.65 -5.50
N LEU D 10 -17.27 27.90 -4.67
CA LEU D 10 -17.18 27.27 -3.35
C LEU D 10 -18.35 27.64 -2.47
N GLU D 11 -18.83 28.87 -2.60
CA GLU D 11 -20.00 29.30 -1.85
C GLU D 11 -21.20 28.43 -2.19
N GLN D 12 -21.38 28.18 -3.50
CA GLN D 12 -22.49 27.36 -4.00
C GLN D 12 -22.35 25.90 -3.55
N LEU D 13 -21.13 25.38 -3.57
CA LEU D 13 -20.88 24.02 -3.07
C LEU D 13 -21.29 23.92 -1.61
N ASN D 14 -20.91 24.91 -0.81
CA ASN D 14 -21.25 24.89 0.60
C ASN D 14 -22.76 25.01 0.82
N ALA D 15 -23.39 25.92 0.07
CA ALA D 15 -24.81 26.16 0.21
C ALA D 15 -25.64 24.94 -0.16
N SER D 16 -25.15 24.17 -1.12
CA SER D 16 -25.89 23.02 -1.64
C SER D 16 -26.02 21.89 -0.62
N GLN D 17 -25.26 21.96 0.46
CA GLN D 17 -25.30 20.93 1.50
C GLN D 17 -26.45 21.06 2.49
N LYS D 18 -27.25 22.12 2.36
CA LYS D 18 -28.34 22.30 3.32
C LYS D 18 -29.25 21.08 3.38
N ASN D 19 -29.65 20.70 4.59
CA ASN D 19 -30.47 19.51 4.82
C ASN D 19 -29.79 18.21 4.43
N SER D 20 -28.47 18.17 4.62
CA SER D 20 -27.72 16.96 4.32
C SER D 20 -26.64 16.77 5.40
N ILE D 21 -26.00 15.61 5.41
CA ILE D 21 -25.02 15.30 6.45
C ILE D 21 -23.84 16.27 6.43
N GLY D 22 -23.48 16.77 5.26
CA GLY D 22 -22.37 17.72 5.14
C GLY D 22 -22.61 18.98 5.93
N ASP D 23 -23.84 19.48 5.92
CA ASP D 23 -24.18 20.65 6.72
C ASP D 23 -24.16 20.32 8.21
N LEU D 24 -24.73 19.16 8.57
CA LEU D 24 -24.79 18.72 9.96
C LEU D 24 -23.41 18.60 10.60
N LEU D 25 -22.44 18.06 9.86
CA LEU D 25 -21.11 17.82 10.42
C LEU D 25 -20.16 18.98 10.17
N GLY D 26 -20.65 20.03 9.52
CA GLY D 26 -19.84 21.21 9.27
C GLY D 26 -18.76 21.03 8.21
N ILE D 27 -19.01 20.15 7.24
CA ILE D 27 -18.10 20.01 6.11
C ILE D 27 -18.12 21.29 5.28
N ARG D 28 -16.93 21.79 4.99
CA ARG D 28 -16.80 23.05 4.29
C ARG D 28 -15.83 22.96 3.11
N PHE D 29 -16.29 23.35 1.92
CA PHE D 29 -15.39 23.43 0.77
C PHE D 29 -14.55 24.69 0.91
N GLU D 30 -13.23 24.52 0.78
CA GLU D 30 -12.23 25.50 1.24
C GLU D 30 -11.45 26.16 0.10
N ALA D 31 -11.10 25.38 -0.93
CA ALA D 31 -10.20 25.87 -1.96
C ALA D 31 -10.27 24.98 -3.18
N PHE D 32 -9.86 25.51 -4.33
CA PHE D 32 -9.64 24.70 -5.51
C PHE D 32 -8.49 25.28 -6.30
N ASP D 33 -7.86 24.46 -7.11
CA ASP D 33 -6.96 24.96 -8.15
C ASP D 33 -7.13 24.09 -9.38
N ASP D 34 -6.21 24.20 -10.33
CA ASP D 34 -6.33 23.48 -11.59
C ASP D 34 -6.38 21.97 -11.40
N GLU D 35 -5.78 21.49 -10.32
CA GLU D 35 -5.60 20.05 -10.16
C GLU D 35 -6.23 19.46 -8.90
N SER D 36 -6.89 20.27 -8.08
CA SER D 36 -7.37 19.75 -6.80
C SER D 36 -8.56 20.51 -6.23
N LEU D 37 -9.27 19.84 -5.34
CA LEU D 37 -10.38 20.47 -4.62
C LEU D 37 -10.14 20.16 -3.15
N THR D 38 -10.37 21.14 -2.27
CA THR D 38 -10.06 20.97 -0.84
C THR D 38 -11.29 21.24 0.02
N ALA D 39 -11.50 20.41 1.06
CA ALA D 39 -12.58 20.65 2.01
C ALA D 39 -12.14 20.24 3.42
N SER D 40 -12.77 20.82 4.45
CA SER D 40 -12.39 20.48 5.82
C SER D 40 -13.62 20.21 6.68
N MET D 41 -13.38 19.69 7.88
CA MET D 41 -14.46 19.29 8.78
C MET D 41 -13.98 19.43 10.22
N PRO D 42 -14.85 19.91 11.12
CA PRO D 42 -14.39 20.03 12.51
C PRO D 42 -14.23 18.68 13.18
N VAL D 43 -13.28 18.60 14.11
CA VAL D 43 -13.15 17.44 14.98
C VAL D 43 -13.72 17.86 16.34
N ASP D 44 -15.00 17.58 16.56
CA ASP D 44 -15.66 17.92 17.83
C ASP D 44 -16.73 16.87 18.16
N SER D 45 -17.62 17.16 19.10
CA SER D 45 -18.60 16.16 19.53
C SER D 45 -19.47 15.63 18.38
N ARG D 46 -19.66 16.45 17.36
CA ARG D 46 -20.45 16.06 16.19
C ARG D 46 -19.79 14.93 15.39
N THR D 47 -18.47 14.90 15.40
CA THR D 47 -17.72 13.95 14.56
C THR D 47 -16.86 12.97 15.35
N HIS D 48 -16.86 13.09 16.68
CA HIS D 48 -16.13 12.15 17.54
C HIS D 48 -16.79 10.77 17.57
N GLN D 49 -15.99 9.74 17.81
CA GLN D 49 -16.52 8.43 18.21
C GLN D 49 -16.61 8.46 19.74
N PRO D 50 -17.08 7.37 20.38
CA PRO D 50 -17.35 7.56 21.83
C PRO D 50 -16.13 7.76 22.74
N PHE D 51 -14.91 7.72 22.21
CA PHE D 51 -13.73 7.91 23.06
C PHE D 51 -13.00 9.23 22.80
N GLY D 52 -13.68 10.16 22.15
CA GLY D 52 -13.20 11.52 22.03
C GLY D 52 -12.26 11.77 20.86
N LEU D 53 -12.12 10.77 19.99
CA LEU D 53 -11.31 10.92 18.78
C LEU D 53 -12.23 11.00 17.57
N LEU D 54 -11.72 11.56 16.47
CA LEU D 54 -12.47 11.61 15.21
C LEU D 54 -12.90 10.22 14.78
N HIS D 55 -14.18 10.06 14.46
CA HIS D 55 -14.73 8.77 14.02
C HIS D 55 -14.15 8.50 12.63
N GLY D 56 -13.64 7.29 12.41
CA GLY D 56 -13.07 6.94 11.12
C GLY D 56 -14.07 7.09 9.99
N GLY D 57 -15.34 6.82 10.31
CA GLY D 57 -16.39 6.97 9.32
C GLY D 57 -16.63 8.41 8.95
N ALA D 58 -16.37 9.33 9.88
CA ALA D 58 -16.52 10.75 9.61
C ALA D 58 -15.49 11.20 8.59
N SER D 59 -14.27 10.67 8.71
CA SER D 59 -13.23 10.94 7.71
C SER D 59 -13.74 10.51 6.35
N VAL D 60 -14.44 9.38 6.31
CA VAL D 60 -14.93 8.87 5.03
C VAL D 60 -16.10 9.72 4.51
N VAL D 61 -16.92 10.25 5.42
CA VAL D 61 -17.94 11.20 4.98
C VAL D 61 -17.29 12.40 4.27
N LEU D 62 -16.26 12.97 4.88
CA LEU D 62 -15.58 14.12 4.28
C LEU D 62 -14.98 13.72 2.94
N ALA D 63 -14.31 12.57 2.90
CA ALA D 63 -13.69 12.14 1.62
C ALA D 63 -14.70 11.91 0.51
N GLU D 64 -15.82 11.26 0.84
CA GLU D 64 -16.83 10.98 -0.18
C GLU D 64 -17.56 12.25 -0.59
N SER D 65 -17.79 13.16 0.35
CA SER D 65 -18.41 14.44 -0.01
C SER D 65 -17.53 15.16 -1.00
N LEU D 66 -16.24 15.21 -0.67
CA LEU D 66 -15.26 15.93 -1.47
C LEU D 66 -15.12 15.31 -2.85
N GLY D 67 -14.92 14.00 -2.90
CA GLY D 67 -14.68 13.33 -4.17
C GLY D 67 -15.90 13.33 -5.08
N SER D 68 -17.07 13.17 -4.49
CA SER D 68 -18.32 13.20 -5.24
C SER D 68 -18.52 14.56 -5.91
N MET D 69 -18.30 15.63 -5.15
CA MET D 69 -18.42 16.98 -5.70
C MET D 69 -17.37 17.24 -6.79
N ALA D 70 -16.16 16.73 -6.59
CA ALA D 70 -15.11 16.86 -7.60
C ALA D 70 -15.55 16.21 -8.92
N SER D 71 -16.13 15.01 -8.85
CA SER D 71 -16.64 14.34 -10.05
C SER D 71 -17.74 15.14 -10.72
N TYR D 72 -18.66 15.65 -9.91
CA TYR D 72 -19.75 16.50 -10.41
C TYR D 72 -19.21 17.72 -11.16
N LEU D 73 -18.09 18.26 -10.70
CA LEU D 73 -17.51 19.45 -11.35
C LEU D 73 -16.76 19.11 -12.65
N CYS D 74 -16.58 17.82 -12.91
CA CYS D 74 -15.80 17.39 -14.08
C CYS D 74 -16.63 16.90 -15.25
N VAL D 75 -17.92 16.67 -15.04
CA VAL D 75 -18.74 16.10 -16.10
C VAL D 75 -19.77 17.09 -16.63
N ASP D 76 -20.35 16.78 -17.78
CA ASP D 76 -21.49 17.54 -18.29
C ASP D 76 -22.73 17.13 -17.50
N THR D 77 -23.07 17.95 -16.52
CA THR D 77 -24.17 17.66 -15.61
C THR D 77 -25.55 17.71 -16.27
N SER D 78 -25.58 18.11 -17.55
CA SER D 78 -26.84 18.09 -18.30
C SER D 78 -27.07 16.70 -18.88
N GLN D 79 -26.01 15.88 -18.88
CA GLN D 79 -26.04 14.57 -19.52
C GLN D 79 -25.72 13.44 -18.55
N TYR D 80 -24.89 13.73 -17.56
CA TYR D 80 -24.40 12.70 -16.65
C TYR D 80 -24.53 13.09 -15.20
N TYR D 81 -24.67 12.09 -14.35
CA TYR D 81 -24.50 12.28 -12.92
C TYR D 81 -23.52 11.23 -12.41
N CYS D 82 -23.03 11.42 -11.19
CA CYS D 82 -21.98 10.56 -10.66
C CYS D 82 -22.43 9.98 -9.33
N VAL D 83 -22.19 8.69 -9.13
CA VAL D 83 -22.51 8.05 -7.87
C VAL D 83 -21.31 7.27 -7.34
N GLY D 84 -21.08 7.32 -6.03
CA GLY D 84 -20.03 6.54 -5.42
C GLY D 84 -20.23 5.05 -5.66
N LEU D 85 -19.16 4.38 -6.08
CA LEU D 85 -19.20 2.94 -6.34
C LEU D 85 -18.44 2.17 -5.27
N GLU D 86 -17.23 2.64 -4.96
CA GLU D 86 -16.37 1.97 -3.98
C GLU D 86 -15.55 3.02 -3.25
N VAL D 87 -15.36 2.83 -1.94
CA VAL D 87 -14.48 3.74 -1.20
C VAL D 87 -13.62 2.90 -0.26
N ASN D 88 -12.40 3.36 0.00
CA ASN D 88 -11.56 2.70 0.98
C ASN D 88 -10.70 3.73 1.71
N ALA D 89 -10.22 3.40 2.90
CA ALA D 89 -9.43 4.37 3.66
C ALA D 89 -8.57 3.66 4.68
N ASN D 90 -7.34 4.14 4.84
CA ASN D 90 -6.52 3.77 6.01
C ASN D 90 -6.54 4.91 7.00
N HIS D 91 -6.86 4.60 8.26
CA HIS D 91 -6.81 5.58 9.34
C HIS D 91 -5.41 5.55 9.94
N LEU D 92 -4.68 6.64 9.82
CA LEU D 92 -3.24 6.65 10.11
C LEU D 92 -2.88 7.14 11.52
N ARG D 93 -3.62 8.11 12.01
CA ARG D 93 -3.48 8.55 13.40
C ARG D 93 -4.79 9.15 13.87
N GLY D 94 -4.99 9.18 15.19
CA GLY D 94 -6.22 9.75 15.73
C GLY D 94 -6.16 11.27 15.86
N LEU D 95 -7.28 11.93 15.62
CA LEU D 95 -7.37 13.38 15.84
C LEU D 95 -8.34 13.66 16.97
N ARG D 96 -7.97 14.54 17.90
CA ARG D 96 -8.86 14.88 19.03
C ARG D 96 -9.56 16.21 18.85
N SER D 97 -8.91 17.14 18.15
CA SER D 97 -9.42 18.49 18.10
C SER D 97 -9.02 19.18 16.81
N GLY D 98 -9.49 20.41 16.63
CA GLY D 98 -9.18 21.19 15.45
C GLY D 98 -10.05 20.79 14.28
N ARG D 99 -9.50 20.84 13.08
CA ARG D 99 -10.22 20.36 11.91
C ARG D 99 -9.41 19.31 11.18
N VAL D 100 -10.10 18.50 10.38
CA VAL D 100 -9.42 17.62 9.43
C VAL D 100 -9.58 18.18 8.02
N THR D 101 -8.49 18.24 7.26
CA THR D 101 -8.55 18.86 5.94
C THR D 101 -8.25 17.81 4.89
N ALA D 102 -9.08 17.75 3.85
CA ALA D 102 -8.97 16.73 2.81
C ALA D 102 -8.69 17.37 1.46
N VAL D 103 -7.74 16.80 0.71
CA VAL D 103 -7.42 17.32 -0.62
C VAL D 103 -7.61 16.19 -1.61
N ALA D 104 -8.42 16.43 -2.63
CA ALA D 104 -8.71 15.44 -3.67
C ALA D 104 -7.94 15.75 -4.95
N ARG D 105 -7.27 14.74 -5.51
CA ARG D 105 -6.57 14.85 -6.79
C ARG D 105 -7.02 13.68 -7.65
N ALA D 106 -7.12 13.91 -8.96
CA ALA D 106 -7.59 12.86 -9.86
C ALA D 106 -6.52 11.81 -10.14
N ILE D 107 -6.88 10.54 -10.03
CA ILE D 107 -6.01 9.46 -10.48
C ILE D 107 -6.38 9.10 -11.90
N HIS D 108 -7.68 9.05 -12.15
CA HIS D 108 -8.19 8.60 -13.44
C HIS D 108 -9.57 9.19 -13.69
N LEU D 109 -9.72 9.87 -14.83
CA LEU D 109 -11.03 10.41 -15.18
C LEU D 109 -11.45 9.78 -16.50
N GLY D 110 -12.11 8.63 -16.40
CA GLY D 110 -12.54 7.89 -17.58
C GLY D 110 -13.96 8.26 -17.94
N ARG D 111 -14.48 7.62 -18.98
CA ARG D 111 -15.83 7.92 -19.42
C ARG D 111 -16.89 7.33 -18.51
N THR D 112 -16.61 6.17 -17.91
CA THR D 112 -17.62 5.53 -17.06
C THR D 112 -17.24 5.49 -15.58
N THR D 113 -15.97 5.76 -15.27
CA THR D 113 -15.49 5.76 -13.89
C THR D 113 -14.51 6.91 -13.64
N HIS D 114 -14.51 7.44 -12.42
CA HIS D 114 -13.47 8.35 -11.95
C HIS D 114 -12.82 7.72 -10.72
N VAL D 115 -11.52 7.92 -10.54
CA VAL D 115 -10.85 7.47 -9.30
C VAL D 115 -10.15 8.69 -8.71
N TRP D 116 -10.47 8.99 -7.45
CA TRP D 116 -9.88 10.14 -6.73
C TRP D 116 -8.97 9.70 -5.60
N ASP D 117 -7.84 10.39 -5.46
CA ASP D 117 -6.88 10.20 -4.37
C ASP D 117 -7.16 11.30 -3.36
N ILE D 118 -7.52 10.92 -2.14
CA ILE D 118 -7.94 11.90 -1.15
C ILE D 118 -7.07 11.80 0.12
N ARG D 119 -6.33 12.87 0.40
CA ARG D 119 -5.40 12.87 1.54
C ARG D 119 -5.96 13.77 2.62
N LEU D 120 -6.03 13.25 3.85
CA LEU D 120 -6.58 14.01 4.98
C LEU D 120 -5.47 14.27 5.99
N SER D 121 -5.47 15.47 6.58
CA SER D 121 -4.47 15.80 7.61
C SER D 121 -5.10 16.59 8.74
N GLY D 122 -4.49 16.48 9.92
CA GLY D 122 -4.89 17.31 11.06
C GLY D 122 -4.29 18.70 10.95
N ASP D 123 -4.63 19.57 11.90
CA ASP D 123 -4.16 20.96 11.86
C ASP D 123 -2.65 21.11 11.95
N ASP D 124 -1.95 20.12 12.49
CA ASP D 124 -0.49 20.20 12.54
C ASP D 124 0.16 19.84 11.19
N GLY D 125 -0.68 19.46 10.23
CA GLY D 125 -0.24 19.23 8.86
C GLY D 125 0.14 17.79 8.54
N LYS D 126 0.23 16.96 9.58
CA LYS D 126 0.62 15.57 9.40
C LYS D 126 -0.57 14.74 8.92
N PRO D 127 -0.32 13.78 8.02
CA PRO D 127 -1.42 12.93 7.52
C PRO D 127 -2.18 12.21 8.64
N SER D 128 -3.50 12.09 8.48
CA SER D 128 -4.31 11.41 9.49
C SER D 128 -5.11 10.27 8.85
N CYS D 129 -5.37 10.39 7.55
CA CYS D 129 -6.12 9.35 6.84
C CYS D 129 -5.81 9.46 5.35
N ILE D 130 -5.83 8.35 4.62
CA ILE D 130 -5.75 8.39 3.16
C ILE D 130 -6.90 7.57 2.63
N ALA D 131 -7.58 8.09 1.61
CA ALA D 131 -8.75 7.39 1.05
C ALA D 131 -8.61 7.33 -0.45
N ARG D 132 -9.25 6.33 -1.05
CA ARG D 132 -9.34 6.31 -2.49
C ARG D 132 -10.81 6.05 -2.82
N LEU D 133 -11.32 6.80 -3.79
CA LEU D 133 -12.76 6.76 -4.09
C LEU D 133 -12.97 6.49 -5.56
N THR D 134 -13.84 5.51 -5.87
CA THR D 134 -14.22 5.22 -7.24
C THR D 134 -15.67 5.65 -7.46
N MET D 135 -15.87 6.49 -8.48
CA MET D 135 -17.18 7.02 -8.83
C MET D 135 -17.61 6.38 -10.14
N ALA D 136 -18.89 6.05 -10.27
CA ALA D 136 -19.44 5.64 -11.56
C ALA D 136 -20.01 6.88 -12.24
N VAL D 137 -19.78 7.02 -13.55
CA VAL D 137 -20.37 8.13 -14.28
C VAL D 137 -21.56 7.56 -15.05
N VAL D 138 -22.76 8.05 -14.75
CA VAL D 138 -23.98 7.44 -15.25
C VAL D 138 -24.76 8.39 -16.15
N PRO D 139 -25.14 7.95 -17.35
CA PRO D 139 -25.97 8.76 -18.26
C PRO D 139 -27.33 9.05 -17.65
N LEU D 140 -27.72 10.33 -17.64
CA LEU D 140 -29.00 10.79 -17.11
C LEU D 140 -30.17 10.10 -17.83
N SER E 2 -32.05 -17.47 -12.25
CA SER E 2 -30.81 -18.05 -11.76
C SER E 2 -29.75 -16.98 -11.49
N LEU E 3 -28.62 -17.41 -10.95
CA LEU E 3 -27.44 -16.55 -10.91
C LEU E 3 -26.80 -16.57 -12.29
N TRP E 4 -26.38 -17.75 -12.72
CA TRP E 4 -25.71 -17.89 -14.00
C TRP E 4 -26.69 -17.67 -15.15
N ARG E 5 -26.21 -17.12 -16.26
CA ARG E 5 -27.10 -16.88 -17.38
C ARG E 5 -27.43 -18.22 -18.04
N GLN E 6 -26.43 -19.08 -18.12
CA GLN E 6 -26.57 -20.44 -18.61
C GLN E 6 -25.82 -21.35 -17.66
N THR E 7 -26.20 -22.63 -17.62
CA THR E 7 -25.55 -23.60 -16.74
C THR E 7 -24.04 -23.63 -16.97
N PRO E 8 -23.25 -23.47 -15.89
CA PRO E 8 -21.80 -23.54 -16.01
C PRO E 8 -21.31 -24.92 -16.41
N ASP E 9 -20.14 -24.99 -17.04
CA ASP E 9 -19.52 -26.24 -17.46
C ASP E 9 -18.05 -26.20 -17.03
N LEU E 10 -17.71 -26.97 -15.99
CA LEU E 10 -16.38 -26.91 -15.38
C LEU E 10 -15.24 -27.24 -16.35
N GLU E 11 -15.49 -28.20 -17.24
CA GLU E 11 -14.50 -28.56 -18.26
C GLU E 11 -14.17 -27.34 -19.10
N GLN E 12 -15.21 -26.64 -19.55
CA GLN E 12 -15.04 -25.44 -20.36
C GLN E 12 -14.22 -24.38 -19.62
N LEU E 13 -14.53 -24.17 -18.35
CA LEU E 13 -13.82 -23.19 -17.53
C LEU E 13 -12.34 -23.51 -17.43
N ASN E 14 -12.03 -24.78 -17.15
CA ASN E 14 -10.65 -25.21 -17.03
C ASN E 14 -9.88 -25.16 -18.35
N ALA E 15 -10.62 -25.28 -19.46
CA ALA E 15 -10.02 -25.24 -20.79
C ALA E 15 -9.77 -23.81 -21.29
N SER E 16 -10.34 -22.83 -20.62
CA SER E 16 -10.26 -21.45 -21.10
C SER E 16 -9.10 -20.65 -20.48
N GLN E 17 -8.18 -21.32 -19.81
CA GLN E 17 -7.06 -20.63 -19.17
C GLN E 17 -5.73 -20.78 -19.89
N LYS E 18 -5.74 -21.38 -21.08
CA LYS E 18 -4.51 -21.63 -21.83
C LYS E 18 -3.70 -20.36 -22.08
N ASN E 19 -2.37 -20.47 -22.02
CA ASN E 19 -1.48 -19.35 -22.27
C ASN E 19 -1.76 -18.15 -21.37
N SER E 20 -2.15 -18.41 -20.12
CA SER E 20 -2.45 -17.34 -19.20
C SER E 20 -1.95 -17.70 -17.80
N ILE E 21 -1.94 -16.74 -16.89
CA ILE E 21 -1.38 -16.97 -15.57
C ILE E 21 -2.12 -18.06 -14.81
N GLY E 22 -3.42 -18.18 -15.08
CA GLY E 22 -4.24 -19.19 -14.41
C GLY E 22 -3.73 -20.60 -14.70
N ASP E 23 -3.36 -20.84 -15.95
CA ASP E 23 -2.76 -22.12 -16.34
C ASP E 23 -1.40 -22.29 -15.66
N LEU E 24 -0.58 -21.23 -15.69
CA LEU E 24 0.78 -21.28 -15.15
C LEU E 24 0.80 -21.62 -13.67
N LEU E 25 -0.18 -21.11 -12.94
CA LEU E 25 -0.21 -21.27 -11.49
C LEU E 25 -1.00 -22.49 -11.07
N GLY E 26 -1.55 -23.23 -12.04
CA GLY E 26 -2.27 -24.46 -11.75
C GLY E 26 -3.66 -24.27 -11.16
N ILE E 27 -4.32 -23.17 -11.51
CA ILE E 27 -5.66 -22.91 -11.01
C ILE E 27 -6.66 -23.85 -11.65
N ARG E 28 -7.48 -24.50 -10.85
CA ARG E 28 -8.50 -25.39 -11.39
C ARG E 28 -9.89 -25.05 -10.84
N PHE E 29 -10.87 -25.02 -11.74
CA PHE E 29 -12.25 -24.82 -11.34
C PHE E 29 -12.83 -26.15 -10.91
N GLU E 30 -13.45 -26.20 -9.73
CA GLU E 30 -13.76 -27.47 -9.09
C GLU E 30 -15.23 -27.77 -8.90
N ALA E 31 -16.04 -26.73 -8.70
CA ALA E 31 -17.45 -26.93 -8.38
C ALA E 31 -18.28 -25.67 -8.57
N PHE E 32 -19.59 -25.86 -8.76
CA PHE E 32 -20.52 -24.75 -8.77
C PHE E 32 -21.86 -25.23 -8.25
N ASP E 33 -22.66 -24.30 -7.73
CA ASP E 33 -24.08 -24.56 -7.51
C ASP E 33 -24.88 -23.34 -7.92
N ASP E 34 -26.11 -23.23 -7.44
CA ASP E 34 -26.98 -22.12 -7.83
C ASP E 34 -26.46 -20.76 -7.35
N GLU E 35 -25.57 -20.79 -6.36
CA GLU E 35 -25.19 -19.55 -5.67
C GLU E 35 -23.69 -19.29 -5.61
N SER E 36 -22.88 -20.22 -6.11
CA SER E 36 -21.44 -20.10 -5.94
C SER E 36 -20.61 -20.82 -6.97
N LEU E 37 -19.35 -20.42 -7.08
CA LEU E 37 -18.40 -21.07 -7.98
C LEU E 37 -17.11 -21.26 -7.20
N THR E 38 -16.48 -22.43 -7.35
CA THR E 38 -15.33 -22.80 -6.53
C THR E 38 -14.12 -23.14 -7.38
N ALA E 39 -12.96 -22.58 -7.02
CA ALA E 39 -11.71 -22.93 -7.68
C ALA E 39 -10.59 -23.08 -6.66
N SER E 40 -9.53 -23.80 -7.02
CA SER E 40 -8.39 -23.95 -6.13
C SER E 40 -7.06 -23.79 -6.87
N MET E 41 -5.98 -23.68 -6.11
CA MET E 41 -4.66 -23.37 -6.66
C MET E 41 -3.62 -23.95 -5.73
N PRO E 42 -2.53 -24.50 -6.28
CA PRO E 42 -1.50 -25.10 -5.42
C PRO E 42 -0.72 -24.07 -4.63
N VAL E 43 -0.35 -24.41 -3.41
CA VAL E 43 0.57 -23.60 -2.62
C VAL E 43 1.95 -24.24 -2.73
N ASP E 44 2.73 -23.81 -3.71
CA ASP E 44 4.09 -24.33 -3.87
C ASP E 44 5.05 -23.25 -4.34
N SER E 45 6.18 -23.66 -4.93
CA SER E 45 7.18 -22.71 -5.40
C SER E 45 6.63 -21.74 -6.45
N ARG E 46 5.57 -22.13 -7.13
CA ARG E 46 4.96 -21.26 -8.14
C ARG E 46 4.21 -20.08 -7.52
N THR E 47 3.74 -20.26 -6.30
CA THR E 47 2.83 -19.30 -5.67
C THR E 47 3.37 -18.77 -4.33
N HIS E 48 4.54 -19.25 -3.94
CA HIS E 48 5.18 -18.78 -2.71
C HIS E 48 5.74 -17.36 -2.86
N GLN E 49 5.83 -16.64 -1.74
CA GLN E 49 6.68 -15.46 -1.62
C GLN E 49 8.03 -15.97 -1.07
N PRO E 50 9.09 -15.13 -1.07
CA PRO E 50 10.41 -15.69 -0.75
C PRO E 50 10.60 -16.31 0.64
N PHE E 51 9.61 -16.23 1.52
CA PHE E 51 9.72 -16.85 2.85
C PHE E 51 9.00 -18.20 2.92
N GLY E 52 8.53 -18.70 1.78
CA GLY E 52 7.93 -20.03 1.73
C GLY E 52 6.48 -20.10 2.13
N LEU E 53 5.85 -18.94 2.31
CA LEU E 53 4.40 -18.89 2.52
C LEU E 53 3.76 -18.47 1.20
N LEU E 54 2.48 -18.77 1.03
CA LEU E 54 1.73 -18.31 -0.14
C LEU E 54 1.77 -16.78 -0.24
N HIS E 55 2.10 -16.27 -1.44
CA HIS E 55 2.18 -14.84 -1.72
C HIS E 55 0.78 -14.25 -1.66
N GLY E 56 0.61 -13.15 -0.93
CA GLY E 56 -0.70 -12.53 -0.83
C GLY E 56 -1.26 -12.16 -2.19
N GLY E 57 -0.37 -11.81 -3.11
CA GLY E 57 -0.77 -11.45 -4.46
C GLY E 57 -1.33 -12.66 -5.20
N ALA E 58 -0.77 -13.83 -4.88
CA ALA E 58 -1.25 -15.07 -5.50
C ALA E 58 -2.67 -15.40 -5.06
N SER E 59 -2.99 -15.11 -3.79
CA SER E 59 -4.38 -15.23 -3.35
C SER E 59 -5.29 -14.34 -4.20
N VAL E 60 -4.81 -13.13 -4.53
CA VAL E 60 -5.62 -12.20 -5.31
C VAL E 60 -5.73 -12.64 -6.77
N VAL E 61 -4.69 -13.27 -7.30
CA VAL E 61 -4.77 -13.87 -8.64
C VAL E 61 -5.91 -14.89 -8.67
N LEU E 62 -5.93 -15.78 -7.67
CA LEU E 62 -7.01 -16.79 -7.60
C LEU E 62 -8.36 -16.11 -7.51
N ALA E 63 -8.49 -15.11 -6.64
CA ALA E 63 -9.77 -14.47 -6.43
C ALA E 63 -10.24 -13.72 -7.67
N GLU E 64 -9.32 -13.00 -8.32
CA GLU E 64 -9.69 -12.25 -9.52
C GLU E 64 -9.98 -13.19 -10.71
N SER E 65 -9.25 -14.29 -10.82
CA SER E 65 -9.54 -15.29 -11.86
C SER E 65 -10.94 -15.87 -11.66
N LEU E 66 -11.24 -16.23 -10.41
CA LEU E 66 -12.52 -16.83 -10.06
C LEU E 66 -13.67 -15.86 -10.25
N GLY E 67 -13.52 -14.65 -9.72
CA GLY E 67 -14.57 -13.67 -9.80
C GLY E 67 -14.81 -13.21 -11.23
N SER E 68 -13.74 -13.11 -12.02
CA SER E 68 -13.92 -12.69 -13.41
C SER E 68 -14.67 -13.74 -14.21
N MET E 69 -14.31 -15.00 -13.98
CA MET E 69 -15.00 -16.12 -14.64
C MET E 69 -16.47 -16.18 -14.22
N ALA E 70 -16.73 -15.97 -12.93
CA ALA E 70 -18.10 -15.93 -12.44
C ALA E 70 -18.90 -14.84 -13.16
N SER E 71 -18.27 -13.69 -13.37
CA SER E 71 -18.91 -12.61 -14.13
C SER E 71 -19.22 -13.02 -15.58
N TYR E 72 -18.28 -13.66 -16.26
CA TYR E 72 -18.54 -14.12 -17.63
C TYR E 72 -19.71 -15.10 -17.69
N LEU E 73 -19.88 -15.88 -16.63
CA LEU E 73 -20.98 -16.84 -16.55
C LEU E 73 -22.33 -16.16 -16.32
N CYS E 74 -22.31 -14.88 -15.94
CA CYS E 74 -23.55 -14.16 -15.64
C CYS E 74 -24.00 -13.23 -16.74
N VAL E 75 -23.19 -13.08 -17.79
CA VAL E 75 -23.58 -12.21 -18.89
C VAL E 75 -23.55 -12.96 -20.22
N ASP E 76 -24.23 -12.41 -21.21
CA ASP E 76 -24.19 -12.92 -22.59
C ASP E 76 -22.84 -12.52 -23.21
N THR E 77 -21.95 -13.48 -23.40
CA THR E 77 -20.57 -13.16 -23.81
C THR E 77 -20.46 -12.76 -25.28
N SER E 78 -21.57 -12.80 -26.01
CA SER E 78 -21.61 -12.29 -27.37
C SER E 78 -22.04 -10.82 -27.39
N GLN E 79 -22.44 -10.29 -26.24
CA GLN E 79 -22.88 -8.90 -26.14
C GLN E 79 -21.98 -8.06 -25.23
N TYR E 80 -21.44 -8.70 -24.20
CA TYR E 80 -20.66 -8.00 -23.16
C TYR E 80 -19.35 -8.70 -22.85
N TYR E 81 -18.37 -7.91 -22.41
CA TYR E 81 -17.22 -8.50 -21.74
C TYR E 81 -17.08 -7.84 -20.37
N CYS E 82 -16.27 -8.45 -19.52
CA CYS E 82 -16.16 -8.01 -18.13
C CYS E 82 -14.69 -7.82 -17.79
N VAL E 83 -14.36 -6.72 -17.12
CA VAL E 83 -12.99 -6.50 -16.71
C VAL E 83 -12.95 -6.05 -15.25
N GLY E 84 -11.94 -6.53 -14.52
CA GLY E 84 -11.74 -6.08 -13.14
C GLY E 84 -11.63 -4.57 -13.04
N LEU E 85 -12.36 -3.98 -12.11
CA LEU E 85 -12.31 -2.54 -11.90
C LEU E 85 -11.59 -2.21 -10.59
N GLU E 86 -11.95 -2.94 -9.54
CA GLU E 86 -11.32 -2.74 -8.23
C GLU E 86 -11.27 -4.07 -7.51
N VAL E 87 -10.21 -4.30 -6.75
CA VAL E 87 -10.11 -5.53 -5.95
C VAL E 87 -9.49 -5.20 -4.61
N ASN E 88 -9.93 -5.91 -3.57
CA ASN E 88 -9.32 -5.72 -2.27
C ASN E 88 -9.33 -7.03 -1.51
N ALA E 89 -8.45 -7.16 -0.52
CA ALA E 89 -8.37 -8.41 0.22
C ALA E 89 -7.76 -8.20 1.58
N ASN E 90 -8.22 -8.99 2.54
CA ASN E 90 -7.56 -9.08 3.85
C ASN E 90 -6.88 -10.42 3.94
N HIS E 91 -5.60 -10.43 4.28
CA HIS E 91 -4.83 -11.64 4.45
C HIS E 91 -4.94 -12.09 5.90
N LEU E 92 -5.49 -13.28 6.13
CA LEU E 92 -5.90 -13.68 7.48
C LEU E 92 -4.92 -14.68 8.11
N ARG E 93 -4.49 -15.66 7.34
CA ARG E 93 -3.57 -16.72 7.80
C ARG E 93 -2.59 -17.09 6.71
N GLY E 94 -1.36 -17.46 7.09
CA GLY E 94 -0.41 -17.97 6.12
C GLY E 94 -0.65 -19.43 5.77
N LEU E 95 -0.26 -19.82 4.56
CA LEU E 95 -0.32 -21.21 4.13
C LEU E 95 1.04 -21.59 3.53
N ARG E 96 1.45 -22.85 3.70
CA ARG E 96 2.79 -23.29 3.27
C ARG E 96 2.76 -24.34 2.17
N SER E 97 1.74 -25.18 2.17
CA SER E 97 1.69 -26.29 1.25
C SER E 97 0.25 -26.71 1.02
N GLY E 98 0.07 -27.70 0.17
CA GLY E 98 -1.27 -28.14 -0.19
C GLY E 98 -1.89 -27.22 -1.21
N ARG E 99 -3.17 -26.92 -1.03
CA ARG E 99 -3.88 -26.04 -1.95
C ARG E 99 -4.72 -25.03 -1.20
N VAL E 100 -4.97 -23.91 -1.85
CA VAL E 100 -5.87 -22.91 -1.29
C VAL E 100 -7.15 -22.94 -2.12
N THR E 101 -8.31 -22.96 -1.47
CA THR E 101 -9.58 -23.06 -2.17
C THR E 101 -10.39 -21.78 -2.00
N ALA E 102 -10.89 -21.27 -3.12
CA ALA E 102 -11.66 -20.03 -3.12
C ALA E 102 -13.10 -20.29 -3.53
N VAL E 103 -14.03 -19.67 -2.82
CA VAL E 103 -15.44 -19.74 -3.18
C VAL E 103 -16.01 -18.34 -3.43
N ALA E 104 -16.59 -18.14 -4.62
CA ALA E 104 -17.17 -16.86 -4.97
C ALA E 104 -18.69 -16.89 -4.88
N ARG E 105 -19.26 -15.87 -4.24
CA ARG E 105 -20.70 -15.67 -4.16
C ARG E 105 -21.03 -14.26 -4.60
N ALA E 106 -22.20 -14.08 -5.22
CA ALA E 106 -22.57 -12.75 -5.71
C ALA E 106 -23.08 -11.85 -4.58
N ILE E 107 -22.57 -10.61 -4.53
CA ILE E 107 -23.13 -9.63 -3.63
C ILE E 107 -24.13 -8.78 -4.39
N HIS E 108 -23.77 -8.47 -5.63
CA HIS E 108 -24.60 -7.59 -6.45
C HIS E 108 -24.30 -7.80 -7.93
N LEU E 109 -25.33 -8.12 -8.71
CA LEU E 109 -25.18 -8.14 -10.17
C LEU E 109 -26.00 -7.00 -10.75
N GLY E 110 -25.32 -5.91 -11.08
CA GLY E 110 -25.99 -4.76 -11.66
C GLY E 110 -25.82 -4.80 -13.16
N ARG E 111 -26.37 -3.81 -13.85
CA ARG E 111 -26.31 -3.78 -15.31
C ARG E 111 -24.90 -3.48 -15.80
N THR E 112 -24.19 -2.62 -15.05
CA THR E 112 -22.86 -2.17 -15.46
C THR E 112 -21.72 -2.61 -14.53
N THR E 113 -22.07 -3.08 -13.33
CA THR E 113 -21.04 -3.60 -12.42
C THR E 113 -21.51 -4.87 -11.69
N HIS E 114 -20.55 -5.71 -11.34
CA HIS E 114 -20.83 -6.87 -10.49
C HIS E 114 -19.92 -6.79 -9.29
N VAL E 115 -20.39 -7.28 -8.15
CA VAL E 115 -19.57 -7.31 -6.94
C VAL E 115 -19.58 -8.74 -6.39
N TRP E 116 -18.39 -9.32 -6.24
CA TRP E 116 -18.26 -10.71 -5.78
C TRP E 116 -17.59 -10.79 -4.44
N ASP E 117 -18.11 -11.66 -3.58
CA ASP E 117 -17.50 -11.97 -2.29
C ASP E 117 -16.71 -13.27 -2.47
N ILE E 118 -15.42 -13.26 -2.17
CA ILE E 118 -14.57 -14.43 -2.40
C ILE E 118 -13.84 -14.86 -1.14
N ARG E 119 -14.12 -16.07 -0.69
CA ARG E 119 -13.55 -16.56 0.56
C ARG E 119 -12.53 -17.67 0.28
N LEU E 120 -11.31 -17.53 0.82
CA LEU E 120 -10.24 -18.49 0.60
C LEU E 120 -9.91 -19.20 1.92
N SER E 121 -9.56 -20.47 1.81
CA SER E 121 -9.14 -21.26 2.97
C SER E 121 -8.15 -22.34 2.54
N GLY E 122 -7.32 -22.79 3.48
CA GLY E 122 -6.36 -23.84 3.20
C GLY E 122 -7.01 -25.19 3.42
N ASP E 123 -6.24 -26.26 3.23
CA ASP E 123 -6.77 -27.62 3.36
C ASP E 123 -7.38 -27.90 4.73
N ASP E 124 -6.95 -27.14 5.75
CA ASP E 124 -7.49 -27.30 7.10
C ASP E 124 -8.85 -26.63 7.29
N GLY E 125 -9.33 -25.95 6.25
CA GLY E 125 -10.65 -25.36 6.27
C GLY E 125 -10.75 -23.98 6.91
N LYS E 126 -9.65 -23.52 7.50
CA LYS E 126 -9.65 -22.21 8.16
C LYS E 126 -9.46 -21.07 7.15
N PRO E 127 -10.25 -20.00 7.29
CA PRO E 127 -10.17 -18.84 6.38
C PRO E 127 -8.74 -18.29 6.34
N SER E 128 -8.21 -18.13 5.14
CA SER E 128 -6.83 -17.65 4.97
C SER E 128 -6.82 -16.27 4.33
N CYS E 129 -7.87 -15.96 3.58
CA CYS E 129 -7.98 -14.68 2.91
C CYS E 129 -9.44 -14.40 2.57
N ILE E 130 -9.82 -13.13 2.57
CA ILE E 130 -11.13 -12.74 2.06
C ILE E 130 -10.91 -11.61 1.07
N ALA E 131 -11.55 -11.71 -0.09
CA ALA E 131 -11.40 -10.68 -1.11
C ALA E 131 -12.76 -10.18 -1.56
N ARG E 132 -12.81 -8.95 -2.07
CA ARG E 132 -14.03 -8.47 -2.70
C ARG E 132 -13.62 -7.88 -4.04
N LEU E 133 -14.38 -8.21 -5.09
CA LEU E 133 -14.00 -7.84 -6.45
C LEU E 133 -15.14 -7.10 -7.10
N THR E 134 -14.82 -5.95 -7.69
CA THR E 134 -15.79 -5.21 -8.51
C THR E 134 -15.43 -5.32 -9.99
N MET E 135 -16.38 -5.82 -10.79
CA MET E 135 -16.18 -6.02 -12.22
C MET E 135 -16.97 -4.97 -12.97
N ALA E 136 -16.40 -4.44 -14.04
CA ALA E 136 -17.16 -3.60 -14.96
C ALA E 136 -17.70 -4.48 -16.08
N VAL E 137 -18.96 -4.30 -16.42
CA VAL E 137 -19.60 -5.01 -17.53
C VAL E 137 -19.68 -4.05 -18.71
N VAL E 138 -19.02 -4.41 -19.81
CA VAL E 138 -18.80 -3.49 -20.93
C VAL E 138 -19.35 -4.07 -22.23
N PRO E 139 -20.14 -3.29 -22.97
CA PRO E 139 -20.69 -3.76 -24.25
C PRO E 139 -19.59 -3.98 -25.31
N LEU E 140 -19.68 -5.08 -26.06
CA LEU E 140 -18.76 -5.33 -27.16
C LEU E 140 -18.91 -4.25 -28.22
N SER F 2 17.18 6.95 2.92
CA SER F 2 16.79 7.49 4.22
C SER F 2 15.60 6.74 4.80
N LEU F 3 14.74 6.22 3.91
CA LEU F 3 13.69 5.30 4.32
C LEU F 3 14.33 4.02 4.85
N TRP F 4 15.39 3.60 4.17
CA TRP F 4 15.96 2.27 4.38
C TRP F 4 16.85 2.17 5.61
N ARG F 5 16.79 1.03 6.28
CA ARG F 5 17.63 0.79 7.45
C ARG F 5 19.07 0.53 6.99
N GLN F 6 19.20 -0.08 5.83
CA GLN F 6 20.49 -0.20 5.16
C GLN F 6 20.29 -0.07 3.65
N THR F 7 21.36 0.19 2.93
CA THR F 7 21.32 0.32 1.48
C THR F 7 20.77 -0.95 0.84
N PRO F 8 19.70 -0.81 0.04
CA PRO F 8 19.16 -1.97 -0.68
C PRO F 8 20.17 -2.53 -1.66
N ASP F 9 20.27 -3.85 -1.72
CA ASP F 9 21.11 -4.54 -2.69
C ASP F 9 20.15 -5.17 -3.69
N LEU F 10 19.94 -4.51 -4.83
CA LEU F 10 18.94 -4.96 -5.78
C LEU F 10 19.24 -6.38 -6.28
N GLU F 11 20.52 -6.70 -6.45
CA GLU F 11 20.85 -8.05 -6.90
C GLU F 11 20.36 -9.08 -5.89
N GLN F 12 20.57 -8.80 -4.61
CA GLN F 12 20.13 -9.67 -3.53
C GLN F 12 18.61 -9.75 -3.47
N LEU F 13 17.96 -8.61 -3.66
CA LEU F 13 16.49 -8.57 -3.72
C LEU F 13 15.98 -9.51 -4.81
N ASN F 14 16.56 -9.41 -6.01
CA ASN F 14 16.16 -10.28 -7.10
C ASN F 14 16.49 -11.75 -6.86
N ALA F 15 17.65 -12.01 -6.29
CA ALA F 15 18.08 -13.40 -6.05
C ALA F 15 17.24 -14.07 -4.96
N SER F 16 16.71 -13.27 -4.04
CA SER F 16 15.91 -13.80 -2.96
C SER F 16 14.59 -14.41 -3.46
N GLN F 17 14.20 -14.10 -4.70
CA GLN F 17 12.92 -14.59 -5.21
C GLN F 17 12.99 -16.00 -5.77
N LYS F 18 14.17 -16.62 -5.72
CA LYS F 18 14.34 -17.97 -6.25
C LYS F 18 13.31 -18.90 -5.64
N ASN F 19 12.68 -19.73 -6.49
CA ASN F 19 11.63 -20.66 -6.07
C ASN F 19 10.38 -20.00 -5.49
N SER F 20 10.05 -18.83 -6.02
CA SER F 20 8.84 -18.12 -5.57
C SER F 20 8.16 -17.50 -6.79
N ILE F 21 6.93 -17.03 -6.60
CA ILE F 21 6.14 -16.49 -7.72
C ILE F 21 6.84 -15.31 -8.43
N GLY F 22 7.61 -14.54 -7.67
CA GLY F 22 8.32 -13.39 -8.22
C GLY F 22 9.29 -13.79 -9.29
N ASP F 23 9.97 -14.92 -9.07
CA ASP F 23 10.90 -15.45 -10.06
C ASP F 23 10.14 -15.97 -11.28
N LEU F 24 9.11 -16.76 -11.02
CA LEU F 24 8.27 -17.32 -12.07
C LEU F 24 7.71 -16.27 -13.03
N LEU F 25 7.24 -15.14 -12.48
CA LEU F 25 6.60 -14.11 -13.28
C LEU F 25 7.58 -13.07 -13.81
N GLY F 26 8.86 -13.19 -13.44
CA GLY F 26 9.85 -12.26 -13.96
C GLY F 26 9.80 -10.89 -13.31
N ILE F 27 9.27 -10.84 -12.08
CA ILE F 27 9.32 -9.61 -11.29
C ILE F 27 10.78 -9.23 -11.07
N ARG F 28 11.11 -7.97 -11.28
CA ARG F 28 12.50 -7.55 -11.16
C ARG F 28 12.61 -6.22 -10.42
N PHE F 29 13.36 -6.20 -9.33
CA PHE F 29 13.63 -4.93 -8.65
C PHE F 29 14.60 -4.13 -9.50
N GLU F 30 14.24 -2.86 -9.78
CA GLU F 30 14.87 -2.07 -10.84
C GLU F 30 15.70 -0.91 -10.31
N ALA F 31 15.24 -0.29 -9.23
CA ALA F 31 15.80 0.98 -8.77
C ALA F 31 15.34 1.30 -7.37
N PHE F 32 16.10 2.17 -6.70
CA PHE F 32 15.66 2.74 -5.43
C PHE F 32 16.25 4.13 -5.29
N ASP F 33 15.60 4.96 -4.48
CA ASP F 33 16.23 6.19 -4.00
C ASP F 33 15.87 6.40 -2.53
N ASP F 34 16.05 7.62 -2.04
CA ASP F 34 15.82 7.89 -0.63
C ASP F 34 14.36 7.71 -0.21
N GLU F 35 13.45 7.86 -1.16
CA GLU F 35 12.01 7.86 -0.85
C GLU F 35 11.20 6.80 -1.60
N SER F 36 11.85 5.92 -2.36
CA SER F 36 11.08 4.96 -3.16
C SER F 36 11.85 3.71 -3.57
N LEU F 37 11.08 2.70 -3.97
CA LEU F 37 11.62 1.44 -4.47
C LEU F 37 10.81 1.11 -5.72
N THR F 38 11.49 0.62 -6.75
CA THR F 38 10.85 0.40 -8.05
C THR F 38 11.06 -1.05 -8.50
N ALA F 39 10.01 -1.69 -9.01
CA ALA F 39 10.16 -3.02 -9.60
C ALA F 39 9.31 -3.11 -10.85
N SER F 40 9.65 -4.02 -11.76
CA SER F 40 8.85 -4.18 -12.99
C SER F 40 8.55 -5.65 -13.28
N MET F 41 7.65 -5.90 -14.22
CA MET F 41 7.20 -7.27 -14.51
C MET F 41 6.79 -7.33 -15.96
N PRO F 42 7.11 -8.43 -16.66
CA PRO F 42 6.73 -8.48 -18.07
C PRO F 42 5.24 -8.71 -18.22
N VAL F 43 4.67 -8.18 -19.30
CA VAL F 43 3.30 -8.44 -19.65
C VAL F 43 3.34 -9.42 -20.82
N ASP F 44 3.26 -10.72 -20.51
CA ASP F 44 3.28 -11.77 -21.53
C ASP F 44 2.39 -12.94 -21.09
N SER F 45 2.51 -14.10 -21.74
CA SER F 45 1.62 -15.23 -21.41
C SER F 45 1.70 -15.66 -19.94
N ARG F 46 2.80 -15.34 -19.27
CA ARG F 46 2.97 -15.68 -17.84
C ARG F 46 2.04 -14.86 -16.96
N THR F 47 1.76 -13.63 -17.39
CA THR F 47 1.01 -12.70 -16.55
C THR F 47 -0.32 -12.26 -17.20
N HIS F 48 -0.65 -12.81 -18.37
CA HIS F 48 -1.92 -12.51 -19.02
C HIS F 48 -3.12 -13.17 -18.34
N GLN F 49 -4.30 -12.56 -18.50
CA GLN F 49 -5.55 -13.28 -18.24
C GLN F 49 -5.95 -13.92 -19.58
N PRO F 50 -7.03 -14.73 -19.62
CA PRO F 50 -7.27 -15.52 -20.85
C PRO F 50 -7.46 -14.71 -22.15
N PHE F 51 -7.62 -13.39 -22.05
CA PHE F 51 -7.90 -12.56 -23.22
C PHE F 51 -6.70 -11.76 -23.75
N GLY F 52 -5.53 -12.01 -23.16
CA GLY F 52 -4.30 -11.43 -23.68
C GLY F 52 -3.95 -10.07 -23.08
N LEU F 53 -4.65 -9.69 -22.02
CA LEU F 53 -4.32 -8.48 -21.29
C LEU F 53 -3.73 -8.89 -19.95
N LEU F 54 -2.95 -7.99 -19.34
CA LEU F 54 -2.38 -8.24 -18.03
C LEU F 54 -3.48 -8.56 -17.01
N HIS F 55 -3.32 -9.68 -16.30
CA HIS F 55 -4.28 -10.11 -15.28
C HIS F 55 -4.22 -9.12 -14.11
N GLY F 56 -5.38 -8.66 -13.64
CA GLY F 56 -5.42 -7.73 -12.51
C GLY F 56 -4.73 -8.26 -11.28
N GLY F 57 -4.82 -9.56 -11.05
CA GLY F 57 -4.16 -10.18 -9.92
C GLY F 57 -2.65 -10.11 -10.04
N ALA F 58 -2.15 -10.19 -11.27
CA ALA F 58 -0.71 -10.11 -11.48
C ALA F 58 -0.18 -8.73 -11.12
N SER F 59 -0.95 -7.69 -11.43
CA SER F 59 -0.59 -6.34 -10.96
C SER F 59 -0.46 -6.36 -9.44
N VAL F 60 -1.37 -7.04 -8.77
CA VAL F 60 -1.36 -7.07 -7.31
C VAL F 60 -0.18 -7.89 -6.80
N VAL F 61 0.19 -8.97 -7.51
CA VAL F 61 1.42 -9.69 -7.15
C VAL F 61 2.62 -8.75 -7.14
N LEU F 62 2.76 -7.95 -8.21
CA LEU F 62 3.89 -7.03 -8.32
C LEU F 62 3.84 -6.02 -7.18
N ALA F 63 2.66 -5.44 -6.95
CA ALA F 63 2.51 -4.44 -5.88
C ALA F 63 2.83 -5.02 -4.52
N GLU F 64 2.32 -6.21 -4.25
CA GLU F 64 2.58 -6.82 -2.94
C GLU F 64 4.04 -7.27 -2.78
N SER F 65 4.64 -7.79 -3.85
CA SER F 65 6.08 -8.11 -3.80
C SER F 65 6.89 -6.87 -3.48
N LEU F 66 6.61 -5.79 -4.20
CA LEU F 66 7.32 -4.52 -4.05
C LEU F 66 7.14 -3.91 -2.67
N GLY F 67 5.90 -3.77 -2.22
CA GLY F 67 5.64 -3.14 -0.94
C GLY F 67 6.16 -3.98 0.23
N SER F 68 6.06 -5.30 0.12
CA SER F 68 6.54 -6.16 1.19
C SER F 68 8.05 -6.06 1.32
N MET F 69 8.75 -6.00 0.20
CA MET F 69 10.20 -5.85 0.26
C MET F 69 10.58 -4.48 0.82
N ALA F 70 9.87 -3.45 0.40
CA ALA F 70 10.07 -2.11 0.95
C ALA F 70 9.93 -2.11 2.48
N SER F 71 8.93 -2.82 3.00
CA SER F 71 8.77 -2.92 4.44
C SER F 71 9.95 -3.60 5.10
N TYR F 72 10.45 -4.65 4.47
CA TYR F 72 11.60 -5.36 5.02
C TYR F 72 12.84 -4.48 5.10
N LEU F 73 13.01 -3.60 4.13
CA LEU F 73 14.17 -2.73 4.09
C LEU F 73 14.07 -1.57 5.08
N CYS F 74 12.91 -1.43 5.74
CA CYS F 74 12.67 -0.33 6.66
C CYS F 74 12.72 -0.74 8.12
N VAL F 75 12.68 -2.04 8.38
CA VAL F 75 12.66 -2.50 9.78
C VAL F 75 13.95 -3.22 10.20
N ASP F 76 14.10 -3.35 11.52
CA ASP F 76 15.17 -4.14 12.11
C ASP F 76 14.80 -5.62 11.93
N THR F 77 15.34 -6.23 10.89
CA THR F 77 14.99 -7.60 10.53
C THR F 77 15.47 -8.67 11.52
N SER F 78 16.27 -8.26 12.51
CA SER F 78 16.69 -9.16 13.57
C SER F 78 15.64 -9.19 14.68
N GLN F 79 14.74 -8.21 14.65
CA GLN F 79 13.77 -8.03 15.72
C GLN F 79 12.32 -8.10 15.23
N TYR F 80 12.13 -7.88 13.93
CA TYR F 80 10.80 -7.77 13.36
C TYR F 80 10.74 -8.40 11.98
N TYR F 81 9.54 -8.83 11.60
CA TYR F 81 9.26 -9.15 10.21
C TYR F 81 7.91 -8.54 9.84
N CYS F 82 7.59 -8.51 8.56
CA CYS F 82 6.38 -7.85 8.09
C CYS F 82 5.55 -8.81 7.27
N VAL F 83 4.23 -8.79 7.43
CA VAL F 83 3.37 -9.56 6.55
C VAL F 83 2.22 -8.67 6.04
N GLY F 84 1.79 -8.93 4.81
CA GLY F 84 0.66 -8.20 4.25
C GLY F 84 -0.57 -8.42 5.09
N LEU F 85 -1.26 -7.32 5.42
CA LEU F 85 -2.51 -7.36 6.17
C LEU F 85 -3.69 -7.10 5.25
N GLU F 86 -3.58 -6.04 4.44
CA GLU F 86 -4.68 -5.62 3.56
C GLU F 86 -4.09 -5.06 2.27
N VAL F 87 -4.74 -5.34 1.14
CA VAL F 87 -4.29 -4.73 -0.10
C VAL F 87 -5.52 -4.38 -0.93
N ASN F 88 -5.42 -3.28 -1.68
CA ASN F 88 -6.49 -2.92 -2.60
C ASN F 88 -5.89 -2.31 -3.85
N ALA F 89 -6.64 -2.29 -4.95
CA ALA F 89 -6.10 -1.77 -6.21
C ALA F 89 -7.27 -1.36 -7.10
N ASN F 90 -7.08 -0.26 -7.82
CA ASN F 90 -7.97 0.07 -8.94
C ASN F 90 -7.26 -0.20 -10.24
N HIS F 91 -7.90 -0.93 -11.14
CA HIS F 91 -7.33 -1.25 -12.44
C HIS F 91 -7.81 -0.18 -13.42
N LEU F 92 -6.87 0.63 -13.90
CA LEU F 92 -7.20 1.85 -14.62
C LEU F 92 -7.19 1.71 -16.14
N ARG F 93 -6.20 0.98 -16.65
CA ARG F 93 -6.01 0.78 -18.08
C ARG F 93 -5.47 -0.62 -18.31
N GLY F 94 -5.86 -1.26 -19.41
CA GLY F 94 -5.33 -2.57 -19.75
C GLY F 94 -3.98 -2.50 -20.44
N LEU F 95 -3.15 -3.53 -20.25
CA LEU F 95 -1.86 -3.62 -20.91
C LEU F 95 -1.77 -4.96 -21.67
N ARG F 96 -1.17 -4.95 -22.85
CA ARG F 96 -1.05 -6.18 -23.64
C ARG F 96 0.38 -6.70 -23.73
N SER F 97 1.35 -5.81 -23.72
CA SER F 97 2.73 -6.21 -23.94
C SER F 97 3.68 -5.23 -23.26
N GLY F 98 4.97 -5.49 -23.41
CA GLY F 98 5.98 -4.69 -22.76
C GLY F 98 6.11 -5.08 -21.30
N ARG F 99 6.35 -4.10 -20.45
CA ARG F 99 6.46 -4.36 -19.03
C ARG F 99 5.56 -3.40 -18.29
N VAL F 100 5.20 -3.78 -17.06
CA VAL F 100 4.51 -2.87 -16.14
C VAL F 100 5.48 -2.53 -15.01
N THR F 101 5.57 -1.25 -14.68
CA THR F 101 6.53 -0.79 -13.67
C THR F 101 5.77 -0.22 -12.50
N ALA F 102 6.17 -0.61 -11.30
CA ALA F 102 5.52 -0.20 -10.06
C ALA F 102 6.49 0.60 -9.21
N VAL F 103 6.01 1.69 -8.64
CA VAL F 103 6.83 2.51 -7.74
C VAL F 103 6.14 2.59 -6.39
N ALA F 104 6.87 2.23 -5.34
CA ALA F 104 6.33 2.28 -3.97
C ALA F 104 6.86 3.49 -3.22
N ARG F 105 5.96 4.27 -2.63
CA ARG F 105 6.31 5.38 -1.74
C ARG F 105 5.60 5.18 -0.41
N ALA F 106 6.22 5.64 0.68
CA ALA F 106 5.62 5.43 2.01
C ALA F 106 4.54 6.45 2.34
N ILE F 107 3.39 5.97 2.82
CA ILE F 107 2.36 6.87 3.33
C ILE F 107 2.50 6.97 4.83
N HIS F 108 2.78 5.85 5.47
CA HIS F 108 2.88 5.78 6.92
C HIS F 108 3.78 4.64 7.33
N LEU F 109 4.83 4.95 8.10
CA LEU F 109 5.69 3.90 8.62
C LEU F 109 5.60 3.90 10.15
N GLY F 110 4.62 3.18 10.69
CA GLY F 110 4.39 3.18 12.12
C GLY F 110 5.11 2.03 12.79
N ARG F 111 4.91 1.89 14.09
CA ARG F 111 5.59 0.83 14.84
C ARG F 111 4.99 -0.53 14.58
N THR F 112 3.68 -0.58 14.32
CA THR F 112 2.99 -1.84 14.12
C THR F 112 2.37 -2.02 12.74
N THR F 113 2.27 -0.94 11.97
CA THR F 113 1.78 -1.03 10.59
C THR F 113 2.58 -0.13 9.65
N HIS F 114 2.69 -0.53 8.39
CA HIS F 114 3.18 0.33 7.33
C HIS F 114 2.08 0.47 6.28
N VAL F 115 1.97 1.63 5.64
CA VAL F 115 1.05 1.78 4.52
C VAL F 115 1.84 2.32 3.33
N TRP F 116 1.77 1.60 2.20
CA TRP F 116 2.52 1.98 1.00
C TRP F 116 1.59 2.36 -0.13
N ASP F 117 1.99 3.40 -0.87
CA ASP F 117 1.28 3.87 -2.06
C ASP F 117 2.04 3.33 -3.27
N ILE F 118 1.37 2.53 -4.10
CA ILE F 118 2.08 1.85 -5.20
C ILE F 118 1.42 2.20 -6.53
N ARG F 119 2.18 2.84 -7.42
CA ARG F 119 1.66 3.30 -8.71
C ARG F 119 2.28 2.47 -9.83
N LEU F 120 1.43 1.92 -10.70
CA LEU F 120 1.88 1.05 -11.78
C LEU F 120 1.59 1.74 -13.12
N SER F 121 2.51 1.60 -14.07
CA SER F 121 2.28 2.13 -15.41
C SER F 121 2.92 1.24 -16.46
N GLY F 122 2.39 1.29 -17.68
CA GLY F 122 2.95 0.54 -18.80
C GLY F 122 4.12 1.29 -19.41
N ASP F 123 4.70 0.72 -20.46
CA ASP F 123 5.88 1.33 -21.07
C ASP F 123 5.64 2.70 -21.71
N ASP F 124 4.37 3.05 -21.95
CA ASP F 124 4.03 4.38 -22.44
C ASP F 124 3.95 5.41 -21.32
N GLY F 125 4.16 4.96 -20.08
CA GLY F 125 4.15 5.85 -18.93
C GLY F 125 2.78 6.23 -18.39
N LYS F 126 1.72 5.75 -19.02
CA LYS F 126 0.37 6.08 -18.54
C LYS F 126 0.01 5.17 -17.37
N PRO F 127 -0.64 5.73 -16.33
CA PRO F 127 -1.01 4.92 -15.17
C PRO F 127 -1.91 3.75 -15.56
N SER F 128 -1.61 2.55 -15.08
CA SER F 128 -2.40 1.37 -15.41
C SER F 128 -3.11 0.79 -14.19
N CYS F 129 -2.57 1.04 -13.01
CA CYS F 129 -3.15 0.50 -11.78
C CYS F 129 -2.63 1.35 -10.64
N ILE F 130 -3.44 1.52 -9.59
CA ILE F 130 -2.95 2.13 -8.36
C ILE F 130 -3.33 1.20 -7.23
N ALA F 131 -2.38 0.94 -6.34
CA ALA F 131 -2.65 0.03 -5.24
C ALA F 131 -2.29 0.68 -3.93
N ARG F 132 -2.94 0.24 -2.84
CA ARG F 132 -2.46 0.63 -1.53
C ARG F 132 -2.30 -0.63 -0.68
N LEU F 133 -1.19 -0.73 0.03
CA LEU F 133 -0.85 -1.95 0.77
C LEU F 133 -0.64 -1.62 2.24
N THR F 134 -1.24 -2.42 3.11
CA THR F 134 -1.04 -2.28 4.57
C THR F 134 -0.27 -3.48 5.07
N MET F 135 0.85 -3.25 5.75
CA MET F 135 1.69 -4.32 6.26
C MET F 135 1.59 -4.29 7.77
N ALA F 136 1.56 -5.48 8.38
CA ALA F 136 1.69 -5.59 9.83
C ALA F 136 3.17 -5.77 10.15
N VAL F 137 3.65 -5.08 11.19
CA VAL F 137 5.02 -5.26 11.63
C VAL F 137 4.97 -6.09 12.91
N VAL F 138 5.53 -7.30 12.87
CA VAL F 138 5.36 -8.27 13.94
C VAL F 138 6.71 -8.53 14.62
N PRO F 139 6.75 -8.43 15.96
CA PRO F 139 7.96 -8.81 16.68
C PRO F 139 8.30 -10.28 16.46
N LEU F 140 9.58 -10.57 16.24
CA LEU F 140 10.06 -11.89 15.85
C LEU F 140 9.80 -12.95 16.91
#